data_5BSY
#
_entry.id   5BSY
#
_cell.length_a   65.080
_cell.length_b   79.750
_cell.length_c   69.470
_cell.angle_alpha   90.000
_cell.angle_beta   100.980
_cell.angle_gamma   90.000
#
_symmetry.space_group_name_H-M   'P 1 21 1'
#
loop_
_entity.id
_entity.type
_entity.pdbx_description
1 polymer 'Capsid protein'
2 non-polymer 1,2-ETHANEDIOL
3 non-polymer 'CITRATE ANION'
4 non-polymer 'NITRATE ION'
5 water water
#
_entity_poly.entity_id   1
_entity_poly.type   'polypeptide(L)'
_entity_poly.pdbx_seq_one_letter_code
;SKPFTLPILTLGELTNSRFPLPIDVLYTNPNESAIVQCQNGRCTLDGELQGTTQLLPTGICAFRGKVTQQVQDEHRGTHW
NMTVTNLNGTPFDPTEDVPAPLGTPDFSGQIYGVISQRNTNTVPGEGNLPANRAHEAVIATYSPKFTPKLGNIQFSTWET
QDVSSGQPTKFTPVGLASVDANSHFDQWTLPSYSGALTLNMNLAPSVAPVFPGECLLFFRSFIPLKGGYGNPAIDCLMPQ
EWVQHLYQESAPSLSDVALVRYVNPETGRTLFEAKLHRNGFLTVARNSAGPVVAPTNGYFRFDSWVNQFYTLAPM
;
_entity_poly.pdbx_strand_id   A,B
#
loop_
_chem_comp.id
_chem_comp.type
_chem_comp.name
_chem_comp.formula
EDO non-polymer 1,2-ETHANEDIOL 'C2 H6 O2'
FLC non-polymer 'CITRATE ANION' 'C6 H5 O7 -3'
NO3 non-polymer 'NITRATE ION' 'N O3 -1'
#
# COMPACT_ATOMS: atom_id res chain seq x y z
N LYS A 2 19.48 17.91 14.78
CA LYS A 2 18.63 17.35 13.74
C LYS A 2 17.31 18.13 13.65
N PRO A 3 17.26 19.15 12.78
CA PRO A 3 16.10 20.02 12.63
C PRO A 3 14.86 19.25 12.22
N PHE A 4 13.68 19.84 12.38
CA PHE A 4 12.45 19.12 12.09
C PHE A 4 11.97 19.38 10.67
N THR A 5 11.62 18.31 9.98
CA THR A 5 11.09 18.38 8.63
C THR A 5 9.88 17.47 8.46
N LEU A 6 9.02 17.84 7.52
CA LEU A 6 7.95 16.99 7.03
C LEU A 6 8.28 16.61 5.60
N PRO A 7 7.66 15.53 5.08
CA PRO A 7 7.86 15.21 3.67
C PRO A 7 7.36 16.34 2.77
N ILE A 8 7.90 16.44 1.56
CA ILE A 8 7.37 17.45 0.63
C ILE A 8 6.37 16.81 -0.34
N LEU A 9 5.87 15.64 0.01
CA LEU A 9 4.86 14.98 -0.79
C LEU A 9 3.55 15.75 -0.76
N THR A 10 2.93 15.95 -1.92
CA THR A 10 1.64 16.64 -2.01
C THR A 10 0.49 15.75 -1.55
N LEU A 11 -0.71 16.32 -1.45
CA LEU A 11 -1.86 15.53 -1.00
C LEU A 11 -2.11 14.33 -1.92
N GLY A 12 -1.88 14.53 -3.22
CA GLY A 12 -2.10 13.50 -4.21
C GLY A 12 -0.99 12.46 -4.26
N GLU A 13 -0.03 12.62 -3.36
CA GLU A 13 1.12 11.71 -3.24
C GLU A 13 1.18 11.06 -1.87
N LEU A 14 0.08 11.15 -1.12
CA LEU A 14 0.01 10.63 0.24
C LEU A 14 -1.01 9.52 0.32
N THR A 15 -0.80 8.58 1.25
CA THR A 15 -1.76 7.50 1.49
C THR A 15 -2.18 7.46 2.96
N ASN A 16 -3.34 6.85 3.20
CA ASN A 16 -3.91 6.77 4.54
C ASN A 16 -3.11 5.81 5.41
N SER A 17 -2.98 6.12 6.69
CA SER A 17 -2.26 5.26 7.64
C SER A 17 -3.19 4.28 8.37
N ARG A 18 -4.50 4.36 8.13
CA ARG A 18 -5.48 3.50 8.81
C ARG A 18 -6.17 2.51 7.87
N PHE A 19 -5.96 2.67 6.56
CA PHE A 19 -6.47 1.71 5.58
C PHE A 19 -5.68 1.95 4.29
N PRO A 20 -5.45 0.90 3.48
CA PRO A 20 -4.62 1.14 2.28
C PRO A 20 -5.37 1.89 1.17
N LEU A 21 -5.39 3.20 1.30
CA LEU A 21 -6.13 4.08 0.41
C LEU A 21 -5.32 5.34 0.16
N PRO A 22 -5.49 5.93 -1.02
CA PRO A 22 -4.91 7.27 -1.22
C PRO A 22 -5.63 8.30 -0.35
N ILE A 23 -4.95 9.37 0.03
CA ILE A 23 -5.62 10.50 0.66
C ILE A 23 -6.45 11.22 -0.38
N ASP A 24 -7.72 11.44 -0.08
CA ASP A 24 -8.60 12.12 -1.02
C ASP A 24 -8.77 13.61 -0.72
N VAL A 25 -8.98 13.95 0.54
N VAL A 25 -9.01 13.94 0.55
CA VAL A 25 -9.17 15.34 0.94
CA VAL A 25 -9.25 15.33 0.95
C VAL A 25 -8.74 15.56 2.38
C VAL A 25 -8.86 15.58 2.40
N LEU A 26 -8.47 16.81 2.72
CA LEU A 26 -8.36 17.21 4.12
C LEU A 26 -9.78 17.46 4.64
N TYR A 27 -10.00 17.23 5.92
CA TYR A 27 -11.38 17.18 6.44
C TYR A 27 -11.45 17.62 7.91
N THR A 28 -12.52 18.34 8.26
CA THR A 28 -12.78 18.66 9.66
C THR A 28 -14.19 18.25 10.09
N ASN A 29 -14.37 18.04 11.38
CA ASN A 29 -15.69 17.81 11.95
C ASN A 29 -15.69 18.25 13.41
N PRO A 30 -15.78 19.57 13.64
CA PRO A 30 -15.64 20.14 14.99
C PRO A 30 -16.61 19.56 16.02
N ASN A 31 -17.79 19.16 15.58
CA ASN A 31 -18.83 18.75 16.52
C ASN A 31 -18.87 17.24 16.76
N GLU A 32 -17.81 16.55 16.34
CA GLU A 32 -17.68 15.11 16.61
C GLU A 32 -17.84 14.82 18.09
N SER A 33 -18.71 13.88 18.41
CA SER A 33 -18.96 13.55 19.82
C SER A 33 -18.10 12.38 20.30
N ALA A 34 -17.52 11.62 19.39
CA ALA A 34 -16.73 10.46 19.78
C ALA A 34 -15.33 10.87 20.20
N ILE A 35 -14.77 10.13 21.15
CA ILE A 35 -13.36 10.28 21.50
C ILE A 35 -12.51 9.76 20.36
N VAL A 36 -11.55 10.57 19.91
CA VAL A 36 -10.71 10.17 18.80
C VAL A 36 -9.46 9.50 19.38
N GLN A 37 -9.33 8.19 19.16
CA GLN A 37 -8.24 7.43 19.76
C GLN A 37 -7.85 6.26 18.86
N CYS A 38 -7.70 6.55 17.57
CA CYS A 38 -7.28 5.52 16.62
C CYS A 38 -5.89 5.00 17.00
N GLN A 39 -5.58 3.79 16.54
CA GLN A 39 -4.35 3.12 16.97
C GLN A 39 -3.36 2.89 15.84
N ASN A 40 -3.84 2.99 14.60
CA ASN A 40 -2.95 3.01 13.43
C ASN A 40 -2.71 4.46 13.02
N GLY A 41 -1.58 4.71 12.37
CA GLY A 41 -1.20 6.07 12.02
C GLY A 41 -0.89 6.91 13.24
N ARG A 42 -0.29 6.29 14.26
CA ARG A 42 0.06 6.98 15.48
C ARG A 42 1.56 7.02 15.64
N CYS A 43 2.11 8.23 15.67
CA CYS A 43 3.54 8.44 15.75
C CYS A 43 3.82 9.82 16.30
N THR A 44 4.66 9.90 17.33
CA THR A 44 5.02 11.21 17.89
C THR A 44 5.93 11.94 16.93
N LEU A 45 6.09 13.24 17.13
CA LEU A 45 6.90 14.02 16.20
C LEU A 45 8.39 13.66 16.25
N ASP A 46 8.84 13.06 17.34
CA ASP A 46 10.23 12.62 17.40
C ASP A 46 10.38 11.17 16.93
N GLY A 47 9.32 10.63 16.36
CA GLY A 47 9.39 9.37 15.63
C GLY A 47 9.08 8.10 16.41
N GLU A 48 8.38 8.23 17.53
CA GLU A 48 7.99 7.06 18.30
C GLU A 48 6.64 6.52 17.86
N LEU A 49 6.63 5.32 17.30
CA LEU A 49 5.39 4.65 16.90
C LEU A 49 4.58 4.28 18.12
N GLN A 50 3.26 4.41 18.01
CA GLN A 50 2.39 4.09 19.13
C GLN A 50 1.22 3.21 18.67
N GLY A 51 0.45 2.70 19.63
CA GLY A 51 -0.67 1.86 19.31
C GLY A 51 -0.27 0.61 18.54
N THR A 52 -0.96 0.33 17.45
CA THR A 52 -0.67 -0.82 16.60
C THR A 52 0.05 -0.37 15.33
N THR A 53 0.65 0.82 15.35
CA THR A 53 1.23 1.38 14.14
C THR A 53 2.55 0.70 13.76
N GLN A 54 2.65 0.37 12.48
CA GLN A 54 3.87 -0.18 11.93
C GLN A 54 4.12 0.53 10.60
N LEU A 55 5.27 0.23 10.00
CA LEU A 55 5.76 1.07 8.91
C LEU A 55 5.30 0.68 7.51
N LEU A 56 4.85 -0.56 7.32
CA LEU A 56 4.55 -1.02 5.95
C LEU A 56 3.18 -0.54 5.49
N PRO A 57 3.10 0.08 4.31
CA PRO A 57 1.76 0.39 3.78
C PRO A 57 0.92 -0.87 3.59
N THR A 58 1.58 -1.98 3.29
CA THR A 58 0.92 -3.25 3.07
C THR A 58 0.49 -3.95 4.36
N GLY A 59 0.94 -3.42 5.50
CA GLY A 59 0.64 -4.05 6.78
C GLY A 59 -0.63 -3.51 7.44
N ILE A 60 -1.13 -2.39 6.94
CA ILE A 60 -2.29 -1.73 7.56
C ILE A 60 -3.57 -2.53 7.33
N CYS A 61 -4.17 -2.99 8.42
CA CYS A 61 -5.36 -3.85 8.39
C CYS A 61 -5.09 -5.18 7.68
N ALA A 62 -3.83 -5.59 7.67
CA ALA A 62 -3.50 -6.93 7.17
C ALA A 62 -3.34 -7.92 8.31
N PHE A 63 -3.51 -9.20 7.99
CA PHE A 63 -3.20 -10.27 8.94
C PHE A 63 -2.41 -11.36 8.26
N ARG A 64 -1.56 -12.01 9.06
N ARG A 64 -1.63 -12.06 9.08
CA ARG A 64 -0.89 -13.23 8.67
CA ARG A 64 -0.88 -13.22 8.67
C ARG A 64 -1.15 -14.28 9.74
C ARG A 64 -1.02 -14.29 9.75
N GLY A 65 -1.23 -15.53 9.32
CA GLY A 65 -1.38 -16.63 10.28
C GLY A 65 -1.66 -17.95 9.59
N LYS A 66 -2.44 -18.80 10.27
CA LYS A 66 -2.83 -20.08 9.70
C LYS A 66 -4.28 -20.37 10.08
N VAL A 67 -5.06 -20.86 9.12
CA VAL A 67 -6.43 -21.29 9.43
C VAL A 67 -6.33 -22.53 10.29
N THR A 68 -7.19 -22.66 11.29
CA THR A 68 -7.16 -23.84 12.13
C THR A 68 -8.31 -24.77 11.78
N GLN A 69 -9.54 -24.27 11.80
CA GLN A 69 -10.70 -25.07 11.42
C GLN A 69 -11.83 -24.21 10.89
N GLN A 70 -12.78 -24.86 10.23
CA GLN A 70 -14.03 -24.24 9.83
C GLN A 70 -14.93 -24.21 11.06
N VAL A 71 -15.74 -23.16 11.17
CA VAL A 71 -16.67 -22.99 12.29
C VAL A 71 -18.08 -22.66 11.78
N GLN A 72 -19.10 -23.24 12.40
CA GLN A 72 -20.47 -22.89 12.05
C GLN A 72 -21.12 -21.97 13.09
N ASP A 73 -21.94 -21.03 12.61
CA ASP A 73 -22.78 -20.19 13.46
C ASP A 73 -24.10 -19.87 12.75
N GLU A 74 -24.91 -19.03 13.37
CA GLU A 74 -26.24 -18.70 12.87
C GLU A 74 -26.23 -17.81 11.62
N HIS A 75 -25.07 -17.29 11.23
CA HIS A 75 -24.99 -16.41 10.07
C HIS A 75 -24.66 -17.15 8.78
N ARG A 76 -25.23 -16.65 7.68
CA ARG A 76 -25.02 -17.22 6.35
C ARG A 76 -23.54 -17.20 5.97
N GLY A 77 -23.17 -18.03 5.01
CA GLY A 77 -21.79 -18.07 4.59
C GLY A 77 -21.05 -19.04 5.47
N THR A 78 -19.81 -19.31 5.11
CA THR A 78 -18.98 -20.25 5.85
C THR A 78 -18.00 -19.44 6.70
N HIS A 79 -17.64 -19.97 7.87
CA HIS A 79 -16.79 -19.22 8.79
C HIS A 79 -15.56 -20.02 9.15
N TRP A 80 -14.47 -19.33 9.50
CA TRP A 80 -13.16 -19.95 9.72
C TRP A 80 -12.37 -19.31 10.86
N ASN A 81 -11.80 -20.11 11.75
N ASN A 81 -11.74 -20.12 11.69
CA ASN A 81 -10.85 -19.61 12.74
CA ASN A 81 -10.83 -19.58 12.69
C ASN A 81 -9.43 -19.59 12.18
C ASN A 81 -9.43 -19.55 12.12
N MET A 82 -8.69 -18.50 12.42
CA MET A 82 -7.28 -18.45 12.04
C MET A 82 -6.44 -17.89 13.19
N THR A 83 -5.31 -18.54 13.47
CA THR A 83 -4.35 -17.96 14.39
C THR A 83 -3.70 -16.79 13.66
N VAL A 84 -3.35 -15.74 14.39
CA VAL A 84 -2.63 -14.63 13.77
C VAL A 84 -1.26 -14.51 14.42
N THR A 85 -0.25 -14.26 13.59
CA THR A 85 1.11 -14.03 14.05
C THR A 85 1.43 -12.55 13.88
N ASN A 86 2.64 -12.15 14.21
CA ASN A 86 3.14 -10.86 13.74
C ASN A 86 3.17 -10.89 12.22
N LEU A 87 3.10 -9.72 11.59
CA LEU A 87 3.14 -9.66 10.14
C LEU A 87 4.42 -10.25 9.54
N ASN A 88 5.52 -10.24 10.30
CA ASN A 88 6.76 -10.78 9.78
C ASN A 88 6.85 -12.31 9.98
N GLY A 89 5.75 -12.90 10.45
CA GLY A 89 5.68 -14.34 10.62
C GLY A 89 6.11 -14.88 11.98
N THR A 90 6.78 -14.06 12.79
CA THR A 90 7.17 -14.50 14.13
C THR A 90 5.94 -14.56 15.01
N PRO A 91 5.94 -15.46 16.01
CA PRO A 91 4.76 -15.58 16.87
C PRO A 91 4.43 -14.29 17.60
N PHE A 92 3.15 -13.95 17.71
CA PHE A 92 2.78 -12.77 18.47
C PHE A 92 2.90 -13.11 19.95
N ASP A 93 3.67 -12.31 20.66
CA ASP A 93 3.80 -12.45 22.11
C ASP A 93 2.76 -11.55 22.78
N PRO A 94 1.72 -12.15 23.37
CA PRO A 94 0.64 -11.37 24.01
C PRO A 94 1.14 -10.45 25.11
N THR A 95 2.35 -10.69 25.61
CA THR A 95 2.92 -9.84 26.63
C THR A 95 3.66 -8.65 26.04
N GLU A 96 3.70 -8.54 24.71
CA GLU A 96 4.30 -7.36 24.08
C GLU A 96 3.45 -6.16 24.46
N ASP A 97 4.10 -5.02 24.72
CA ASP A 97 3.38 -3.83 25.20
C ASP A 97 2.69 -3.08 24.06
N VAL A 98 1.84 -3.80 23.33
CA VAL A 98 1.04 -3.23 22.26
C VAL A 98 -0.39 -3.73 22.42
N PRO A 99 -1.37 -3.01 21.84
CA PRO A 99 -2.76 -3.44 22.01
C PRO A 99 -3.11 -4.77 21.32
N ALA A 100 -2.35 -5.10 20.28
CA ALA A 100 -2.66 -6.18 19.35
C ALA A 100 -1.48 -6.23 18.39
N PRO A 101 -1.37 -7.29 17.57
CA PRO A 101 -0.28 -7.32 16.57
C PRO A 101 -0.27 -6.06 15.73
N LEU A 102 0.91 -5.53 15.44
CA LEU A 102 0.95 -4.31 14.66
C LEU A 102 0.25 -4.52 13.32
N GLY A 103 -0.53 -3.52 12.90
CA GLY A 103 -1.30 -3.61 11.67
C GLY A 103 -2.77 -3.96 11.89
N THR A 104 -3.10 -4.56 13.04
CA THR A 104 -4.49 -4.91 13.36
C THR A 104 -5.41 -3.72 13.13
N PRO A 105 -6.58 -3.94 12.48
CA PRO A 105 -7.58 -2.87 12.32
C PRO A 105 -7.92 -2.18 13.63
N ASP A 106 -8.13 -0.87 13.58
CA ASP A 106 -8.38 -0.10 14.80
C ASP A 106 -9.79 0.48 14.88
N PHE A 107 -10.74 -0.15 14.18
CA PHE A 107 -12.11 0.32 14.20
C PHE A 107 -13.10 -0.81 14.07
N SER A 108 -14.31 -0.53 14.54
CA SER A 108 -15.45 -1.43 14.45
C SER A 108 -16.02 -1.45 13.04
N GLY A 109 -16.19 -2.64 12.48
CA GLY A 109 -16.86 -2.78 11.20
C GLY A 109 -16.64 -4.14 10.58
N GLN A 110 -17.23 -4.33 9.40
CA GLN A 110 -17.01 -5.57 8.65
C GLN A 110 -15.98 -5.27 7.61
N ILE A 111 -14.75 -5.72 7.84
CA ILE A 111 -13.69 -5.41 6.89
C ILE A 111 -13.68 -6.48 5.80
N TYR A 112 -13.79 -6.01 4.56
CA TYR A 112 -13.86 -6.85 3.36
C TYR A 112 -12.49 -6.96 2.72
N GLY A 113 -12.10 -8.15 2.32
CA GLY A 113 -10.82 -8.30 1.64
C GLY A 113 -10.70 -9.67 1.02
N VAL A 114 -9.46 -10.13 0.88
CA VAL A 114 -9.20 -11.45 0.32
C VAL A 114 -8.30 -12.25 1.24
N ILE A 115 -8.72 -13.48 1.55
CA ILE A 115 -7.91 -14.47 2.23
C ILE A 115 -7.21 -15.31 1.16
N SER A 116 -5.89 -15.44 1.26
CA SER A 116 -5.16 -16.28 0.32
C SER A 116 -4.26 -17.23 1.10
N GLN A 117 -3.97 -18.37 0.48
CA GLN A 117 -3.14 -19.39 1.12
C GLN A 117 -2.13 -19.93 0.14
N ARG A 118 -0.92 -20.23 0.62
CA ARG A 118 0.09 -20.98 -0.13
C ARG A 118 0.57 -22.11 0.75
N ASN A 119 0.32 -23.35 0.33
CA ASN A 119 0.61 -24.50 1.20
C ASN A 119 2.10 -24.64 1.47
N THR A 120 2.43 -25.17 2.65
N THR A 120 2.43 -25.17 2.65
CA THR A 120 3.83 -25.42 2.99
CA THR A 120 3.82 -25.45 3.00
C THR A 120 4.37 -26.69 2.31
C THR A 120 4.34 -26.67 2.26
N ASN A 121 3.54 -27.74 2.27
CA ASN A 121 3.96 -29.01 1.68
C ASN A 121 3.76 -29.08 0.16
N THR A 122 4.71 -29.71 -0.52
CA THR A 122 4.65 -29.85 -1.97
C THR A 122 4.65 -31.32 -2.37
N GLY A 127 3.66 -32.02 -8.81
CA GLY A 127 5.05 -31.64 -8.93
C GLY A 127 5.64 -31.21 -7.60
N ASN A 128 6.64 -30.33 -7.64
CA ASN A 128 7.24 -29.83 -6.41
C ASN A 128 6.85 -28.37 -6.16
N LEU A 129 5.62 -28.04 -6.52
CA LEU A 129 5.09 -26.69 -6.38
C LEU A 129 3.92 -26.74 -5.40
N PRO A 130 3.79 -25.72 -4.53
CA PRO A 130 2.70 -25.81 -3.55
C PRO A 130 1.34 -25.41 -4.13
N ALA A 131 0.29 -25.95 -3.53
CA ALA A 131 -1.08 -25.60 -3.88
C ALA A 131 -1.49 -24.26 -3.27
N ASN A 132 -2.42 -23.58 -3.93
CA ASN A 132 -2.90 -22.27 -3.51
C ASN A 132 -4.41 -22.15 -3.58
N ARG A 133 -4.96 -21.19 -2.84
CA ARG A 133 -6.34 -20.76 -3.03
C ARG A 133 -6.54 -19.38 -2.43
N ALA A 134 -7.47 -18.62 -3.00
CA ALA A 134 -7.88 -17.34 -2.45
C ALA A 134 -9.38 -17.14 -2.63
N HIS A 135 -9.98 -16.42 -1.67
CA HIS A 135 -11.39 -16.11 -1.71
C HIS A 135 -11.66 -14.79 -1.03
N GLU A 136 -12.71 -14.11 -1.47
CA GLU A 136 -13.23 -12.95 -0.74
C GLU A 136 -13.55 -13.35 0.70
N ALA A 137 -13.32 -12.43 1.63
CA ALA A 137 -13.56 -12.72 3.04
C ALA A 137 -13.97 -11.46 3.78
N VAL A 138 -14.60 -11.66 4.92
CA VAL A 138 -15.02 -10.57 5.79
C VAL A 138 -14.56 -10.85 7.21
N ILE A 139 -13.99 -9.84 7.86
CA ILE A 139 -13.64 -9.90 9.27
C ILE A 139 -14.48 -8.88 10.04
N ALA A 140 -15.33 -9.38 10.94
CA ALA A 140 -16.14 -8.48 11.78
C ALA A 140 -15.35 -8.11 13.03
N THR A 141 -14.81 -6.91 13.09
CA THR A 141 -13.89 -6.57 14.18
C THR A 141 -14.61 -6.32 15.52
N TYR A 142 -15.94 -6.24 15.48
CA TYR A 142 -16.75 -6.07 16.69
C TYR A 142 -17.18 -7.42 17.29
N SER A 143 -16.88 -8.50 16.56
CA SER A 143 -17.29 -9.85 16.95
C SER A 143 -16.57 -10.30 18.22
N PRO A 144 -17.24 -11.09 19.06
CA PRO A 144 -16.56 -11.66 20.23
C PRO A 144 -15.41 -12.60 19.83
N LYS A 145 -15.40 -13.07 18.59
CA LYS A 145 -14.35 -13.97 18.11
C LYS A 145 -13.18 -13.20 17.51
N PHE A 146 -13.28 -11.87 17.47
CA PHE A 146 -12.15 -11.06 17.03
C PHE A 146 -11.24 -10.82 18.22
N THR A 147 -10.24 -11.69 18.40
CA THR A 147 -9.36 -11.60 19.56
C THR A 147 -7.89 -11.61 19.15
N PRO A 148 -7.47 -10.63 18.31
CA PRO A 148 -6.10 -10.64 17.79
C PRO A 148 -5.04 -10.55 18.88
N LYS A 149 -5.34 -9.88 19.99
CA LYS A 149 -4.40 -9.82 21.11
C LYS A 149 -4.19 -11.20 21.75
N LEU A 150 -5.17 -12.09 21.55
CA LEU A 150 -5.04 -13.46 22.03
C LEU A 150 -4.49 -14.40 20.96
N GLY A 151 -4.20 -13.84 19.78
CA GLY A 151 -3.59 -14.60 18.73
C GLY A 151 -4.55 -15.35 17.81
N ASN A 152 -5.82 -14.98 17.85
N ASN A 152 -5.83 -14.99 17.88
CA ASN A 152 -6.83 -15.69 17.07
CA ASN A 152 -6.86 -15.67 17.11
C ASN A 152 -7.98 -14.78 16.62
C ASN A 152 -7.94 -14.70 16.60
N ILE A 153 -8.39 -14.90 15.36
CA ILE A 153 -9.56 -14.17 14.85
C ILE A 153 -10.42 -15.10 14.01
N GLN A 154 -11.62 -14.64 13.67
CA GLN A 154 -12.51 -15.40 12.79
C GLN A 154 -12.75 -14.60 11.51
N PHE A 155 -12.91 -15.29 10.39
CA PHE A 155 -13.35 -14.60 9.18
C PHE A 155 -14.44 -15.40 8.49
N SER A 156 -15.20 -14.73 7.63
CA SER A 156 -16.28 -15.38 6.91
C SER A 156 -16.01 -15.34 5.42
N THR A 157 -16.50 -16.36 4.70
CA THR A 157 -16.40 -16.38 3.24
C THR A 157 -17.78 -16.64 2.69
N TRP A 158 -17.97 -16.36 1.42
CA TRP A 158 -19.22 -16.69 0.78
C TRP A 158 -19.13 -18.17 0.49
N GLU A 159 -20.25 -18.86 0.54
CA GLU A 159 -20.29 -20.32 0.59
C GLU A 159 -19.14 -20.92 -0.20
N THR A 160 -18.32 -21.70 0.48
CA THR A 160 -17.16 -22.33 -0.11
C THR A 160 -16.55 -23.19 0.94
N GLN A 161 -16.03 -24.32 0.54
CA GLN A 161 -15.31 -25.19 1.41
C GLN A 161 -13.82 -25.13 1.13
N ASP A 162 -13.44 -24.34 0.15
CA ASP A 162 -12.10 -24.32 -0.42
C ASP A 162 -11.14 -23.43 0.40
N VAL A 163 -11.08 -23.70 1.70
CA VAL A 163 -10.12 -23.06 2.61
C VAL A 163 -9.47 -24.18 3.42
N SER A 164 -8.14 -24.23 3.41
CA SER A 164 -7.44 -25.37 4.02
C SER A 164 -6.98 -25.10 5.45
N SER A 165 -7.11 -26.10 6.31
CA SER A 165 -6.62 -25.95 7.68
C SER A 165 -5.12 -26.17 7.72
N GLY A 166 -4.46 -25.45 8.62
CA GLY A 166 -3.05 -25.65 8.88
C GLY A 166 -2.11 -25.10 7.83
N GLN A 167 -2.62 -24.22 6.96
CA GLN A 167 -1.81 -23.69 5.87
C GLN A 167 -1.63 -22.19 6.01
N PRO A 168 -0.44 -21.68 5.67
CA PRO A 168 -0.14 -20.25 5.75
C PRO A 168 -1.20 -19.40 5.05
N THR A 169 -1.68 -18.40 5.78
CA THR A 169 -2.85 -17.62 5.35
C THR A 169 -2.58 -16.13 5.46
N LYS A 170 -3.00 -15.39 4.44
CA LYS A 170 -2.81 -13.95 4.40
C LYS A 170 -4.16 -13.28 4.22
N PHE A 171 -4.41 -12.19 4.95
CA PHE A 171 -5.57 -11.35 4.67
C PHE A 171 -5.12 -10.04 4.03
N THR A 172 -5.61 -9.79 2.82
CA THR A 172 -5.39 -8.51 2.13
C THR A 172 -6.67 -7.68 2.23
N PRO A 173 -6.61 -6.53 2.92
CA PRO A 173 -7.82 -5.71 3.05
C PRO A 173 -8.16 -4.98 1.75
N VAL A 174 -9.45 -4.81 1.48
CA VAL A 174 -9.88 -4.08 0.28
C VAL A 174 -10.88 -2.95 0.58
N GLY A 175 -11.81 -3.20 1.50
CA GLY A 175 -12.80 -2.19 1.87
C GLY A 175 -13.68 -2.66 3.01
N LEU A 176 -14.95 -2.24 2.97
CA LEU A 176 -15.93 -2.68 3.96
C LEU A 176 -16.97 -3.54 3.27
N ALA A 177 -17.54 -4.50 4.00
CA ALA A 177 -18.58 -5.36 3.42
C ALA A 177 -19.90 -4.60 3.30
N SER A 178 -20.14 -3.72 4.26
CA SER A 178 -21.43 -3.03 4.42
C SER A 178 -21.24 -1.87 5.37
N VAL A 179 -22.14 -0.87 5.31
CA VAL A 179 -22.22 0.11 6.40
C VAL A 179 -23.64 0.21 6.92
N ASP A 180 -24.44 -0.83 6.72
N ASP A 180 -24.43 -0.83 6.70
CA ASP A 180 -25.78 -0.80 7.28
CA ASP A 180 -25.77 -0.93 7.28
C ASP A 180 -25.68 -0.93 8.79
C ASP A 180 -25.66 -0.91 8.81
N ALA A 181 -26.78 -0.65 9.50
CA ALA A 181 -26.76 -0.61 10.96
C ALA A 181 -26.22 -1.90 11.57
N ASN A 182 -26.65 -3.04 11.02
CA ASN A 182 -26.24 -4.32 11.56
C ASN A 182 -24.77 -4.65 11.31
N SER A 183 -24.07 -3.82 10.52
CA SER A 183 -22.65 -4.08 10.24
C SER A 183 -21.71 -3.28 11.15
N HIS A 184 -22.29 -2.42 11.99
CA HIS A 184 -21.58 -1.73 13.06
C HIS A 184 -20.31 -1.03 12.66
N PHE A 185 -20.40 -0.24 11.59
CA PHE A 185 -19.25 0.56 11.18
C PHE A 185 -19.18 1.82 12.03
N ASP A 186 -18.08 2.00 12.74
CA ASP A 186 -17.82 3.24 13.47
C ASP A 186 -16.31 3.38 13.54
N GLN A 187 -15.78 4.35 12.80
CA GLN A 187 -14.33 4.47 12.65
C GLN A 187 -13.64 4.88 13.95
N TRP A 188 -14.40 5.38 14.93
CA TRP A 188 -13.79 5.80 16.19
C TRP A 188 -14.05 4.86 17.34
N THR A 189 -14.77 3.78 17.06
CA THR A 189 -14.99 2.74 18.07
C THR A 189 -13.90 1.68 17.95
N LEU A 190 -13.09 1.50 18.99
CA LEU A 190 -12.03 0.51 18.94
C LEU A 190 -12.62 -0.89 19.07
N PRO A 191 -11.99 -1.88 18.40
CA PRO A 191 -12.31 -3.28 18.69
C PRO A 191 -11.92 -3.59 20.13
N SER A 192 -12.52 -4.62 20.70
CA SER A 192 -12.02 -5.19 21.95
C SER A 192 -10.97 -6.22 21.55
N TYR A 193 -9.70 -5.86 21.61
CA TYR A 193 -8.65 -6.70 21.05
C TYR A 193 -8.53 -8.08 21.69
N SER A 194 -8.98 -8.24 22.94
CA SER A 194 -8.91 -9.54 23.61
C SER A 194 -10.28 -10.18 23.80
N GLY A 195 -11.29 -9.59 23.15
CA GLY A 195 -12.60 -10.19 23.21
C GLY A 195 -13.53 -9.53 24.19
N ALA A 196 -14.73 -10.09 24.28
CA ALA A 196 -15.80 -9.47 25.01
C ALA A 196 -15.44 -9.39 26.48
N LEU A 197 -15.80 -8.26 27.08
CA LEU A 197 -15.64 -8.01 28.51
C LEU A 197 -14.20 -7.76 28.97
N THR A 198 -13.28 -7.60 28.03
CA THR A 198 -11.87 -7.38 28.39
C THR A 198 -11.43 -5.96 28.08
N LEU A 199 -10.56 -5.41 28.93
CA LEU A 199 -10.00 -4.08 28.75
C LEU A 199 -8.89 -4.06 27.73
N ASN A 200 -8.95 -3.13 26.77
CA ASN A 200 -7.82 -2.89 25.88
C ASN A 200 -6.64 -2.32 26.66
N MET A 201 -5.42 -2.61 26.18
CA MET A 201 -4.21 -2.19 26.88
C MET A 201 -3.20 -1.55 25.95
N ASN A 202 -2.27 -0.79 26.53
CA ASN A 202 -1.17 -0.19 25.78
C ASN A 202 -1.60 0.71 24.64
N LEU A 203 -2.74 1.40 24.80
CA LEU A 203 -3.28 2.24 23.73
C LEU A 203 -2.52 3.54 23.54
N ALA A 204 -2.42 3.96 22.28
CA ALA A 204 -2.04 5.33 21.97
C ALA A 204 -3.11 6.23 22.57
N PRO A 205 -2.71 7.38 23.13
CA PRO A 205 -3.66 8.25 23.82
C PRO A 205 -4.69 8.89 22.90
N SER A 206 -5.82 9.31 23.47
CA SER A 206 -6.79 10.06 22.70
C SER A 206 -6.21 11.41 22.32
N VAL A 207 -6.74 12.00 21.26
CA VAL A 207 -6.30 13.32 20.81
C VAL A 207 -7.50 14.29 20.72
N ALA A 208 -7.23 15.57 21.00
CA ALA A 208 -8.28 16.59 20.98
C ALA A 208 -7.66 17.98 20.90
N PRO A 209 -8.42 18.96 20.39
CA PRO A 209 -7.91 20.33 20.48
C PRO A 209 -7.94 20.80 21.93
N VAL A 210 -6.95 21.58 22.32
CA VAL A 210 -6.89 22.07 23.69
C VAL A 210 -7.27 23.55 23.73
N PHE A 211 -7.62 24.08 22.57
CA PHE A 211 -7.72 25.51 22.36
C PHE A 211 -9.11 25.87 21.82
N PRO A 212 -9.75 26.90 22.40
CA PRO A 212 -11.07 27.29 21.88
C PRO A 212 -11.02 27.71 20.41
N GLY A 213 -11.97 27.23 19.62
CA GLY A 213 -12.08 27.60 18.23
C GLY A 213 -11.27 26.69 17.32
N GLU A 214 -10.46 25.82 17.90
CA GLU A 214 -9.69 24.89 17.10
C GLU A 214 -10.35 23.53 17.04
N CYS A 215 -10.11 22.81 15.94
CA CYS A 215 -10.64 21.47 15.75
C CYS A 215 -9.56 20.60 15.14
N LEU A 216 -9.76 19.28 15.21
CA LEU A 216 -8.83 18.35 14.57
C LEU A 216 -8.89 18.50 13.05
N LEU A 217 -7.75 18.33 12.40
CA LEU A 217 -7.70 18.26 10.94
C LEU A 217 -7.28 16.86 10.54
N PHE A 218 -8.06 16.25 9.66
CA PHE A 218 -7.84 14.87 9.25
C PHE A 218 -7.42 14.76 7.81
N PHE A 219 -6.70 13.69 7.50
CA PHE A 219 -6.47 13.27 6.12
C PHE A 219 -7.49 12.17 5.82
N ARG A 220 -8.44 12.48 4.93
CA ARG A 220 -9.60 11.60 4.72
C ARG A 220 -9.49 10.78 3.45
N SER A 221 -9.86 9.50 3.54
CA SER A 221 -9.97 8.61 2.37
C SER A 221 -11.35 7.96 2.32
N PHE A 222 -11.91 7.81 1.12
CA PHE A 222 -13.15 7.07 1.01
C PHE A 222 -12.84 5.60 0.76
N ILE A 223 -13.58 4.73 1.43
CA ILE A 223 -13.26 3.31 1.47
C ILE A 223 -14.28 2.52 0.64
N PRO A 224 -13.81 1.57 -0.18
CA PRO A 224 -14.73 0.82 -1.05
C PRO A 224 -15.72 -0.03 -0.26
N LEU A 225 -16.87 -0.27 -0.90
CA LEU A 225 -17.91 -1.13 -0.33
C LEU A 225 -18.23 -2.33 -1.20
N LYS A 226 -18.38 -3.49 -0.58
CA LYS A 226 -18.78 -4.70 -1.31
C LYS A 226 -20.22 -4.57 -1.82
N GLY A 227 -21.07 -3.88 -1.05
CA GLY A 227 -22.45 -3.71 -1.45
C GLY A 227 -23.20 -2.74 -0.58
N GLY A 228 -24.43 -2.45 -1.00
CA GLY A 228 -25.29 -1.54 -0.25
C GLY A 228 -25.05 -0.07 -0.49
N TYR A 229 -25.76 0.77 0.26
CA TYR A 229 -25.67 2.21 0.06
C TYR A 229 -24.65 2.76 1.04
N GLY A 230 -23.95 3.82 0.62
CA GLY A 230 -23.03 4.48 1.51
C GLY A 230 -21.87 5.11 0.77
N ASN A 231 -21.23 6.05 1.47
CA ASN A 231 -19.99 6.65 1.02
C ASN A 231 -19.04 6.73 2.21
N PRO A 232 -18.67 5.57 2.77
CA PRO A 232 -17.90 5.59 4.01
C PRO A 232 -16.50 6.17 3.84
N ALA A 233 -16.02 6.83 4.89
CA ALA A 233 -14.69 7.43 4.92
C ALA A 233 -13.90 6.98 6.14
N ILE A 234 -12.57 6.98 5.98
CA ILE A 234 -11.62 6.71 7.06
C ILE A 234 -10.70 7.92 7.20
N ASP A 235 -10.67 8.49 8.40
CA ASP A 235 -9.90 9.69 8.70
C ASP A 235 -8.64 9.35 9.49
N CYS A 236 -7.47 9.73 8.99
CA CYS A 236 -6.25 9.49 9.77
C CYS A 236 -5.64 10.81 10.26
N LEU A 237 -4.83 10.71 11.31
CA LEU A 237 -4.26 11.90 11.94
C LEU A 237 -3.08 12.39 11.13
N MET A 238 -2.36 11.43 10.56
N MET A 238 -2.35 11.45 10.56
CA MET A 238 -1.24 11.73 9.69
CA MET A 238 -1.25 11.77 9.66
C MET A 238 -1.16 10.63 8.64
C MET A 238 -1.14 10.64 8.65
N PRO A 239 -0.74 10.97 7.41
CA PRO A 239 -0.60 9.93 6.38
C PRO A 239 0.54 8.99 6.68
N GLN A 240 0.52 7.83 6.03
CA GLN A 240 1.52 6.79 6.28
C GLN A 240 2.92 7.29 5.96
N GLU A 241 3.05 8.15 4.95
CA GLU A 241 4.37 8.65 4.60
C GLU A 241 4.93 9.58 5.67
N TRP A 242 4.06 10.25 6.42
CA TRP A 242 4.53 11.06 7.53
C TRP A 242 5.07 10.15 8.65
N VAL A 243 4.37 9.06 8.92
CA VAL A 243 4.84 8.10 9.92
C VAL A 243 6.24 7.59 9.53
N GLN A 244 6.40 7.21 8.27
CA GLN A 244 7.69 6.74 7.76
C GLN A 244 8.79 7.78 7.90
N HIS A 245 8.46 9.03 7.57
CA HIS A 245 9.43 10.12 7.63
C HIS A 245 9.84 10.45 9.06
N LEU A 246 8.85 10.59 9.93
CA LEU A 246 9.11 10.95 11.34
C LEU A 246 9.93 9.88 12.04
N TYR A 247 9.59 8.63 11.77
CA TYR A 247 10.32 7.50 12.35
C TYR A 247 11.80 7.55 12.00
N GLN A 248 12.11 7.81 10.74
CA GLN A 248 13.51 7.79 10.30
C GLN A 248 14.26 9.01 10.77
N GLU A 249 13.57 10.15 10.80
CA GLU A 249 14.20 11.43 11.10
C GLU A 249 14.61 11.49 12.57
N SER A 250 13.77 10.95 13.44
CA SER A 250 14.07 10.87 14.88
C SER A 250 14.53 12.21 15.45
N ALA A 251 13.83 13.27 15.06
CA ALA A 251 14.21 14.62 15.46
C ALA A 251 13.56 15.03 16.77
N PRO A 252 14.36 15.51 17.73
CA PRO A 252 13.80 15.96 19.01
C PRO A 252 12.74 17.04 18.81
N SER A 253 11.65 16.94 19.56
CA SER A 253 10.61 17.95 19.54
C SER A 253 11.00 19.09 20.47
N LEU A 254 11.09 20.31 19.94
CA LEU A 254 11.63 21.43 20.71
C LEU A 254 10.56 22.16 21.52
N SER A 255 9.29 21.86 21.22
CA SER A 255 8.17 22.37 22.01
C SER A 255 6.99 21.41 21.85
N ASP A 256 5.86 21.74 22.47
CA ASP A 256 4.66 20.89 22.36
C ASP A 256 3.96 21.03 21.02
N VAL A 257 4.28 22.11 20.29
CA VAL A 257 3.55 22.40 19.06
C VAL A 257 4.46 22.95 17.96
N ALA A 258 4.40 22.34 16.79
CA ALA A 258 5.07 22.88 15.61
C ALA A 258 4.06 23.65 14.77
N LEU A 259 4.38 24.89 14.44
CA LEU A 259 3.55 25.65 13.53
C LEU A 259 3.86 25.20 12.10
N VAL A 260 2.83 24.84 11.34
CA VAL A 260 3.04 24.43 9.96
C VAL A 260 2.17 25.24 9.01
N ARG A 261 2.64 25.39 7.78
CA ARG A 261 1.91 26.14 6.76
C ARG A 261 1.51 25.21 5.62
N TYR A 262 0.26 25.28 5.21
CA TYR A 262 -0.17 24.55 4.02
C TYR A 262 0.07 25.42 2.81
N VAL A 263 1.01 25.02 1.96
CA VAL A 263 1.45 25.87 0.87
C VAL A 263 1.03 25.34 -0.49
N ASN A 264 0.63 26.26 -1.38
CA ASN A 264 0.50 25.95 -2.79
C ASN A 264 1.85 26.25 -3.43
N PRO A 265 2.63 25.19 -3.72
CA PRO A 265 3.99 25.37 -4.25
C PRO A 265 4.03 26.08 -5.59
N GLU A 266 2.92 26.01 -6.34
CA GLU A 266 2.83 26.67 -7.64
C GLU A 266 2.82 28.20 -7.49
N THR A 267 2.07 28.69 -6.51
CA THR A 267 2.00 30.13 -6.24
C THR A 267 2.95 30.55 -5.13
N GLY A 268 3.27 29.62 -4.23
CA GLY A 268 4.14 29.90 -3.10
C GLY A 268 3.39 30.45 -1.91
N ARG A 269 2.10 30.70 -2.09
CA ARG A 269 1.26 31.27 -1.05
C ARG A 269 0.85 30.25 0.01
N THR A 270 0.70 30.72 1.25
CA THR A 270 0.17 29.89 2.33
C THR A 270 -1.36 29.93 2.29
N LEU A 271 -1.98 28.76 2.15
CA LEU A 271 -3.43 28.69 2.08
C LEU A 271 -4.05 28.74 3.47
N PHE A 272 -3.39 28.11 4.43
CA PHE A 272 -3.76 28.23 5.83
C PHE A 272 -2.65 27.71 6.72
N GLU A 273 -2.76 27.97 8.02
CA GLU A 273 -1.79 27.46 8.98
C GLU A 273 -2.45 26.44 9.89
N ALA A 274 -1.65 25.53 10.43
CA ALA A 274 -2.14 24.53 11.37
C ALA A 274 -1.15 24.33 12.49
N LYS A 275 -1.62 23.79 13.61
CA LYS A 275 -0.74 23.34 14.70
C LYS A 275 -0.47 21.85 14.60
N LEU A 276 0.80 21.48 14.52
CA LEU A 276 1.18 20.07 14.55
C LEU A 276 1.68 19.69 15.95
N HIS A 277 0.86 18.94 16.65
CA HIS A 277 1.09 18.62 18.06
C HIS A 277 2.07 17.46 18.24
N ARG A 278 2.80 17.52 19.36
CA ARG A 278 3.89 16.59 19.66
C ARG A 278 3.48 15.11 19.54
N ASN A 279 2.26 14.80 19.98
CA ASN A 279 1.79 13.42 19.96
C ASN A 279 1.40 12.94 18.56
N GLY A 280 1.38 13.86 17.60
CA GLY A 280 1.21 13.49 16.20
C GLY A 280 -0.17 13.68 15.62
N PHE A 281 -0.67 14.90 15.70
CA PHE A 281 -1.96 15.24 15.10
C PHE A 281 -2.01 16.74 14.83
N LEU A 282 -2.92 17.13 13.95
CA LEU A 282 -3.06 18.53 13.53
C LEU A 282 -4.34 19.16 14.09
N THR A 283 -4.24 20.43 14.44
CA THR A 283 -5.46 21.23 14.67
C THR A 283 -5.44 22.50 13.82
N VAL A 284 -6.63 23.02 13.53
CA VAL A 284 -6.77 24.25 12.78
C VAL A 284 -7.83 25.11 13.41
N ALA A 285 -7.81 26.39 13.11
CA ALA A 285 -8.89 27.29 13.51
C ALA A 285 -9.97 27.29 12.43
N ARG A 286 -10.97 26.43 12.61
CA ARG A 286 -12.09 26.33 11.68
C ARG A 286 -13.39 26.07 12.43
N ASN A 287 -14.46 26.73 12.01
CA ASN A 287 -15.74 26.55 12.70
C ASN A 287 -16.76 25.80 11.83
N SER A 288 -16.28 24.96 10.92
CA SER A 288 -17.18 24.21 10.05
C SER A 288 -16.70 22.77 9.86
N ALA A 289 -17.63 21.92 9.44
CA ALA A 289 -17.32 20.53 9.09
C ALA A 289 -17.28 20.36 7.58
N GLY A 290 -16.54 19.38 7.12
CA GLY A 290 -16.50 19.08 5.71
C GLY A 290 -15.12 19.15 5.12
N PRO A 291 -15.02 18.96 3.81
CA PRO A 291 -13.70 18.98 3.16
C PRO A 291 -13.06 20.37 3.19
N VAL A 292 -11.74 20.38 3.17
CA VAL A 292 -10.97 21.59 2.93
C VAL A 292 -10.72 21.63 1.42
N VAL A 293 -11.35 22.59 0.74
CA VAL A 293 -11.26 22.64 -0.71
C VAL A 293 -10.00 23.38 -1.13
N ALA A 294 -9.00 22.61 -1.54
CA ALA A 294 -7.68 23.12 -1.90
C ALA A 294 -7.09 22.22 -2.97
N PRO A 295 -6.21 22.77 -3.82
CA PRO A 295 -5.56 21.93 -4.85
C PRO A 295 -4.79 20.77 -4.23
N THR A 296 -4.78 19.65 -4.94
CA THR A 296 -4.14 18.43 -4.43
C THR A 296 -2.61 18.50 -4.47
N ASN A 297 -2.06 19.54 -5.07
CA ASN A 297 -0.61 19.69 -5.14
C ASN A 297 -0.05 20.38 -3.89
N GLY A 298 -0.91 20.69 -2.94
CA GLY A 298 -0.53 21.41 -1.74
C GLY A 298 0.18 20.52 -0.74
N TYR A 299 0.95 21.11 0.19
CA TYR A 299 1.57 20.30 1.23
C TYR A 299 1.94 21.15 2.44
N PHE A 300 2.09 20.47 3.57
CA PHE A 300 2.50 21.14 4.80
C PHE A 300 4.01 21.31 4.85
N ARG A 301 4.42 22.47 5.33
CA ARG A 301 5.83 22.76 5.53
C ARG A 301 6.03 23.26 6.96
N PHE A 302 7.07 22.78 7.62
CA PHE A 302 7.40 23.23 8.97
C PHE A 302 7.77 24.72 8.93
N ASP A 303 7.20 25.49 9.84
CA ASP A 303 7.53 26.89 9.94
C ASP A 303 8.42 27.13 11.16
N SER A 304 7.93 26.74 12.34
CA SER A 304 8.64 27.00 13.58
C SER A 304 7.99 26.27 14.77
N TRP A 305 8.75 26.15 15.85
CA TRP A 305 8.21 25.63 17.11
C TRP A 305 7.56 26.75 17.89
N VAL A 306 6.31 26.55 18.30
CA VAL A 306 5.59 27.53 19.11
C VAL A 306 5.08 26.91 20.41
N ASN A 307 4.01 27.43 20.96
CA ASN A 307 3.47 26.84 22.19
C ASN A 307 1.95 26.71 22.17
N GLN A 308 1.40 26.25 23.29
CA GLN A 308 -0.02 26.01 23.42
C GLN A 308 -0.85 27.28 23.26
N PHE A 309 -0.24 28.43 23.53
CA PHE A 309 -0.93 29.71 23.50
C PHE A 309 -0.92 30.39 22.13
N TYR A 310 -0.31 29.75 21.14
CA TYR A 310 -0.22 30.36 19.81
C TYR A 310 -1.60 30.43 19.16
N THR A 311 -1.96 31.59 18.63
CA THR A 311 -3.27 31.76 17.99
C THR A 311 -3.17 31.64 16.46
N LEU A 312 -3.88 30.65 15.91
CA LEU A 312 -3.92 30.45 14.47
C LEU A 312 -4.87 31.39 13.76
N ALA A 313 -4.49 31.83 12.57
CA ALA A 313 -5.42 32.55 11.72
C ALA A 313 -6.53 31.61 11.26
N PRO A 314 -7.79 32.06 11.34
CA PRO A 314 -8.93 31.24 10.89
C PRO A 314 -8.80 30.88 9.42
N MET A 315 -9.28 29.71 9.05
CA MET A 315 -9.21 29.25 7.67
C MET A 315 -10.25 29.93 6.81
N LYS B 2 23.58 19.16 -1.75
CA LYS B 2 22.61 18.19 -1.26
C LYS B 2 23.18 16.77 -1.32
N PRO B 3 23.81 16.32 -0.22
CA PRO B 3 24.46 15.00 -0.18
C PRO B 3 23.47 13.87 -0.45
N PHE B 4 23.99 12.70 -0.80
CA PHE B 4 23.13 11.59 -1.16
C PHE B 4 22.88 10.66 0.01
N THR B 5 21.61 10.33 0.23
CA THR B 5 21.21 9.41 1.29
C THR B 5 20.19 8.40 0.79
N LEU B 6 20.19 7.24 1.45
CA LEU B 6 19.14 6.24 1.29
C LEU B 6 18.34 6.16 2.58
N PRO B 7 17.10 5.65 2.52
CA PRO B 7 16.34 5.46 3.77
C PRO B 7 17.05 4.50 4.69
N ILE B 8 16.82 4.59 6.00
CA ILE B 8 17.42 3.62 6.91
C ILE B 8 16.45 2.48 7.25
N LEU B 9 15.40 2.33 6.46
CA LEU B 9 14.43 1.25 6.65
C LEU B 9 15.05 -0.12 6.42
N THR B 10 14.77 -1.07 7.31
CA THR B 10 15.22 -2.45 7.14
C THR B 10 14.40 -3.17 6.08
N LEU B 11 14.83 -4.37 5.72
N LEU B 11 14.82 -4.37 5.68
CA LEU B 11 14.13 -5.18 4.72
CA LEU B 11 14.07 -5.14 4.69
C LEU B 11 12.68 -5.44 5.12
C LEU B 11 12.65 -5.39 5.14
N GLY B 12 12.48 -5.60 6.43
CA GLY B 12 11.16 -5.84 6.99
C GLY B 12 10.34 -4.58 7.12
N GLU B 13 10.89 -3.45 6.68
CA GLU B 13 10.19 -2.17 6.72
C GLU B 13 10.05 -1.58 5.31
N LEU B 14 10.28 -2.42 4.31
CA LEU B 14 10.25 -2.00 2.91
C LEU B 14 9.17 -2.75 2.13
N THR B 15 8.63 -2.10 1.11
CA THR B 15 7.64 -2.73 0.23
C THR B 15 8.06 -2.69 -1.24
N ASN B 16 7.48 -3.61 -1.99
CA ASN B 16 7.79 -3.79 -3.40
C ASN B 16 7.22 -2.64 -4.19
N SER B 17 7.95 -2.20 -5.21
CA SER B 17 7.52 -1.09 -6.05
C SER B 17 6.79 -1.56 -7.30
N ARG B 18 6.69 -2.88 -7.51
CA ARG B 18 6.04 -3.41 -8.70
C ARG B 18 4.73 -4.15 -8.38
N PHE B 19 4.45 -4.39 -7.09
CA PHE B 19 3.18 -4.97 -6.66
C PHE B 19 3.04 -4.66 -5.18
N PRO B 20 1.81 -4.46 -4.67
CA PRO B 20 1.65 -4.10 -3.25
C PRO B 20 1.92 -5.27 -2.31
N LEU B 21 3.21 -5.50 -2.04
CA LEU B 21 3.68 -6.63 -1.25
C LEU B 21 4.84 -6.16 -0.38
N PRO B 22 5.00 -6.76 0.79
CA PRO B 22 6.23 -6.49 1.56
C PRO B 22 7.45 -7.10 0.86
N ILE B 23 8.62 -6.55 1.08
CA ILE B 23 9.85 -7.20 0.62
C ILE B 23 10.14 -8.43 1.50
N ASP B 24 10.39 -9.58 0.86
CA ASP B 24 10.66 -10.80 1.62
C ASP B 24 12.16 -11.06 1.74
N VAL B 25 12.89 -10.94 0.64
CA VAL B 25 14.33 -11.24 0.65
C VAL B 25 15.05 -10.44 -0.42
N LEU B 26 16.37 -10.27 -0.26
CA LEU B 26 17.22 -9.84 -1.37
C LEU B 26 17.54 -11.06 -2.23
N TYR B 27 17.69 -10.88 -3.54
CA TYR B 27 17.72 -12.02 -4.45
C TYR B 27 18.58 -11.77 -5.68
N THR B 28 19.31 -12.79 -6.12
CA THR B 28 20.05 -12.69 -7.38
C THR B 28 19.70 -13.84 -8.32
N ASN B 29 19.89 -13.60 -9.62
CA ASN B 29 19.77 -14.67 -10.62
C ASN B 29 20.64 -14.35 -11.83
N PRO B 30 21.95 -14.59 -11.70
CA PRO B 30 22.93 -14.17 -12.73
C PRO B 30 22.64 -14.72 -14.12
N ASN B 31 22.02 -15.90 -14.20
CA ASN B 31 21.86 -16.55 -15.50
C ASN B 31 20.54 -16.23 -16.16
N GLU B 32 19.83 -15.24 -15.64
CA GLU B 32 18.60 -14.76 -16.25
C GLU B 32 18.84 -14.40 -17.72
N SER B 33 18.03 -14.94 -18.61
CA SER B 33 18.22 -14.69 -20.04
C SER B 33 17.36 -13.52 -20.53
N ALA B 34 16.39 -13.12 -19.73
CA ALA B 34 15.49 -12.06 -20.15
C ALA B 34 16.10 -10.68 -19.97
N ILE B 35 15.74 -9.77 -20.87
CA ILE B 35 16.08 -8.36 -20.70
C ILE B 35 15.26 -7.80 -19.56
N VAL B 36 15.94 -7.17 -18.60
CA VAL B 36 15.24 -6.59 -17.46
C VAL B 36 14.92 -5.14 -17.75
N GLN B 37 13.63 -4.83 -17.90
CA GLN B 37 13.20 -3.49 -18.30
C GLN B 37 11.83 -3.18 -17.69
N CYS B 38 11.68 -3.47 -16.40
CA CYS B 38 10.41 -3.18 -15.72
C CYS B 38 10.15 -1.67 -15.72
N GLN B 39 8.89 -1.29 -15.57
CA GLN B 39 8.49 0.09 -15.74
C GLN B 39 7.97 0.73 -14.45
N ASN B 40 7.61 -0.11 -13.49
CA ASN B 40 7.29 0.39 -12.15
C ASN B 40 8.52 0.24 -11.26
N GLY B 41 8.60 1.07 -10.23
CA GLY B 41 9.80 1.10 -9.39
C GLY B 41 11.04 1.59 -10.13
N ARG B 42 10.83 2.56 -11.01
CA ARG B 42 11.92 3.12 -11.81
C ARG B 42 12.11 4.58 -11.44
N CYS B 43 13.30 4.89 -10.94
CA CYS B 43 13.62 6.23 -10.46
C CYS B 43 15.12 6.41 -10.49
N THR B 44 15.60 7.49 -11.12
CA THR B 44 17.03 7.75 -11.14
C THR B 44 17.47 8.20 -9.75
N LEU B 45 18.78 8.17 -9.49
CA LEU B 45 19.23 8.52 -8.15
C LEU B 45 19.01 10.00 -7.80
N ASP B 46 18.82 10.85 -8.80
CA ASP B 46 18.52 12.25 -8.50
C ASP B 46 17.01 12.50 -8.45
N GLY B 47 16.22 11.42 -8.44
CA GLY B 47 14.81 11.52 -8.12
C GLY B 47 13.86 11.72 -9.29
N GLU B 48 14.32 11.39 -10.49
CA GLU B 48 13.46 11.46 -11.67
C GLU B 48 12.72 10.13 -11.86
N LEU B 49 11.40 10.16 -11.70
CA LEU B 49 10.57 8.99 -11.95
C LEU B 49 10.57 8.65 -13.42
N GLN B 50 10.60 7.35 -13.74
CA GLN B 50 10.60 6.92 -15.13
C GLN B 50 9.56 5.84 -15.37
N GLY B 51 9.35 5.48 -16.63
CA GLY B 51 8.38 4.46 -16.96
C GLY B 51 6.98 4.84 -16.52
N THR B 52 6.30 3.90 -15.86
CA THR B 52 4.95 4.15 -15.37
C THR B 52 4.96 4.38 -13.87
N THR B 53 6.12 4.74 -13.35
CA THR B 53 6.27 4.83 -11.90
C THR B 53 5.60 6.07 -11.30
N GLN B 54 4.87 5.84 -10.21
CA GLN B 54 4.28 6.94 -9.44
C GLN B 54 4.53 6.68 -7.96
N LEU B 55 4.13 7.63 -7.12
CA LEU B 55 4.60 7.62 -5.73
C LEU B 55 3.74 6.84 -4.75
N LEU B 56 2.48 6.59 -5.09
CA LEU B 56 1.57 5.96 -4.13
C LEU B 56 1.75 4.45 -4.05
N PRO B 57 1.95 3.92 -2.84
CA PRO B 57 1.97 2.46 -2.72
C PRO B 57 0.65 1.84 -3.18
N THR B 58 -0.43 2.60 -3.03
CA THR B 58 -1.76 2.14 -3.42
C THR B 58 -2.02 2.23 -4.93
N GLY B 59 -1.11 2.89 -5.67
CA GLY B 59 -1.31 3.07 -7.10
C GLY B 59 -0.69 1.97 -7.94
N ILE B 60 0.16 1.15 -7.33
CA ILE B 60 0.91 0.12 -8.07
C ILE B 60 -0.02 -0.98 -8.53
N CYS B 61 -0.13 -1.15 -9.85
CA CYS B 61 -1.03 -2.13 -10.48
C CYS B 61 -2.49 -1.84 -10.18
N ALA B 62 -2.79 -0.58 -9.90
CA ALA B 62 -4.17 -0.13 -9.75
C ALA B 62 -4.69 0.53 -11.02
N PHE B 63 -6.02 0.53 -11.16
CA PHE B 63 -6.72 1.25 -12.22
C PHE B 63 -7.93 2.00 -11.66
N ARG B 64 -8.22 3.12 -12.30
CA ARG B 64 -9.48 3.85 -12.08
C ARG B 64 -10.12 4.10 -13.44
N GLY B 65 -11.44 4.08 -13.50
CA GLY B 65 -12.14 4.40 -14.74
C GLY B 65 -13.61 4.07 -14.65
N LYS B 66 -14.21 3.74 -15.79
CA LYS B 66 -15.63 3.37 -15.88
C LYS B 66 -15.85 2.23 -16.85
N VAL B 67 -16.75 1.33 -16.51
CA VAL B 67 -17.13 0.23 -17.41
C VAL B 67 -18.07 0.69 -18.55
N THR B 68 -17.84 0.19 -19.77
CA THR B 68 -18.67 0.55 -20.93
C THR B 68 -19.57 -0.58 -21.45
N GLN B 69 -19.04 -1.79 -21.59
CA GLN B 69 -19.85 -2.92 -22.05
C GLN B 69 -19.43 -4.27 -21.49
N GLN B 70 -20.38 -5.20 -21.45
CA GLN B 70 -20.10 -6.61 -21.18
C GLN B 70 -19.87 -7.38 -22.47
N VAL B 71 -18.84 -8.21 -22.49
N VAL B 71 -18.84 -8.20 -22.52
CA VAL B 71 -18.60 -9.07 -23.65
CA VAL B 71 -18.63 -9.08 -23.66
C VAL B 71 -18.20 -10.46 -23.15
C VAL B 71 -18.14 -10.45 -23.20
N GLN B 72 -18.69 -11.50 -23.79
CA GLN B 72 -18.26 -12.86 -23.43
C GLN B 72 -17.19 -13.33 -24.39
N ASP B 73 -16.34 -14.26 -23.95
CA ASP B 73 -15.42 -14.86 -24.91
C ASP B 73 -16.02 -16.18 -25.38
N GLU B 74 -15.35 -16.85 -26.31
CA GLU B 74 -15.92 -18.05 -26.90
C GLU B 74 -15.84 -19.24 -25.95
N HIS B 75 -15.12 -19.06 -24.85
CA HIS B 75 -14.99 -20.10 -23.83
C HIS B 75 -15.96 -19.83 -22.69
N ARG B 76 -16.97 -19.00 -22.98
CA ARG B 76 -18.05 -18.65 -22.07
C ARG B 76 -17.63 -17.83 -20.84
N GLY B 77 -16.47 -17.17 -20.89
CA GLY B 77 -16.08 -16.34 -19.77
C GLY B 77 -16.64 -14.94 -19.97
N THR B 78 -16.74 -14.18 -18.88
CA THR B 78 -17.32 -12.83 -18.95
C THR B 78 -16.27 -11.74 -18.81
N HIS B 79 -16.28 -10.78 -19.73
CA HIS B 79 -15.35 -9.66 -19.74
C HIS B 79 -16.10 -8.34 -19.72
N TRP B 80 -15.42 -7.30 -19.26
CA TRP B 80 -16.01 -5.97 -19.16
C TRP B 80 -15.00 -4.98 -19.69
N ASN B 81 -15.44 -4.16 -20.63
CA ASN B 81 -14.59 -3.12 -21.18
C ASN B 81 -14.55 -1.98 -20.19
N MET B 82 -13.36 -1.48 -19.90
CA MET B 82 -13.20 -0.38 -18.98
C MET B 82 -12.36 0.73 -19.58
N THR B 83 -12.90 1.94 -19.62
CA THR B 83 -12.07 3.09 -19.96
C THR B 83 -11.27 3.44 -18.73
N VAL B 84 -10.00 3.77 -18.90
CA VAL B 84 -9.20 4.12 -17.72
C VAL B 84 -8.76 5.58 -17.75
N THR B 85 -8.75 6.18 -16.56
CA THR B 85 -8.26 7.54 -16.37
C THR B 85 -6.90 7.47 -15.68
N ASN B 86 -6.30 8.63 -15.42
CA ASN B 86 -5.20 8.68 -14.47
C ASN B 86 -5.73 8.27 -13.12
N LEU B 87 -4.84 7.80 -12.24
CA LEU B 87 -5.27 7.38 -10.92
C LEU B 87 -5.91 8.53 -10.12
N ASN B 88 -5.54 9.77 -10.42
CA ASN B 88 -6.13 10.91 -9.69
C ASN B 88 -7.49 11.35 -10.26
N GLY B 89 -8.02 10.58 -11.21
CA GLY B 89 -9.33 10.85 -11.77
C GLY B 89 -9.36 11.73 -13.00
N THR B 90 -8.27 12.43 -13.29
CA THR B 90 -8.21 13.27 -14.48
C THR B 90 -8.10 12.37 -15.73
N PRO B 91 -8.60 12.85 -16.87
CA PRO B 91 -8.55 12.03 -18.08
C PRO B 91 -7.13 11.67 -18.46
N PHE B 92 -6.91 10.44 -18.89
CA PHE B 92 -5.59 10.10 -19.39
C PHE B 92 -5.41 10.66 -20.79
N ASP B 93 -4.35 11.44 -20.97
CA ASP B 93 -3.99 12.00 -22.26
C ASP B 93 -2.99 11.05 -22.92
N PRO B 94 -3.44 10.33 -23.96
CA PRO B 94 -2.53 9.35 -24.60
C PRO B 94 -1.25 9.96 -25.17
N THR B 95 -1.23 11.28 -25.34
CA THR B 95 -0.03 11.94 -25.84
C THR B 95 0.94 12.29 -24.71
N GLU B 96 0.59 11.95 -23.46
CA GLU B 96 1.52 12.14 -22.36
C GLU B 96 2.75 11.24 -22.60
N ASP B 97 3.94 11.75 -22.27
CA ASP B 97 5.18 11.04 -22.57
C ASP B 97 5.46 9.93 -21.55
N VAL B 98 4.51 9.02 -21.40
CA VAL B 98 4.64 7.87 -20.53
C VAL B 98 4.17 6.64 -21.30
N PRO B 99 4.60 5.44 -20.88
CA PRO B 99 4.19 4.24 -21.64
C PRO B 99 2.69 3.94 -21.51
N ALA B 100 2.09 4.41 -20.43
CA ALA B 100 0.72 4.04 -20.04
C ALA B 100 0.38 4.87 -18.80
N PRO B 101 -0.90 4.88 -18.37
CA PRO B 101 -1.21 5.62 -17.14
C PRO B 101 -0.30 5.18 -16.02
N LEU B 102 0.20 6.12 -15.23
CA LEU B 102 1.11 5.72 -14.16
C LEU B 102 0.43 4.72 -13.23
N GLY B 103 1.18 3.70 -12.83
CA GLY B 103 0.63 2.62 -12.01
C GLY B 103 0.26 1.37 -12.80
N THR B 104 0.09 1.50 -14.11
CA THR B 104 -0.22 0.34 -14.97
C THR B 104 0.74 -0.81 -14.71
N PRO B 105 0.22 -2.06 -14.58
CA PRO B 105 1.10 -3.23 -14.43
C PRO B 105 2.17 -3.28 -15.52
N ASP B 106 3.37 -3.72 -15.15
CA ASP B 106 4.48 -3.75 -16.10
C ASP B 106 4.94 -5.15 -16.48
N PHE B 107 4.06 -6.14 -16.37
CA PHE B 107 4.42 -7.50 -16.72
C PHE B 107 3.23 -8.27 -17.28
N SER B 108 3.56 -9.32 -18.03
CA SER B 108 2.60 -10.26 -18.59
C SER B 108 2.07 -11.21 -17.53
N GLY B 109 0.75 -11.30 -17.43
CA GLY B 109 0.15 -12.26 -16.53
C GLY B 109 -1.33 -12.00 -16.30
N GLN B 110 -1.94 -12.83 -15.48
CA GLN B 110 -3.34 -12.67 -15.08
C GLN B 110 -3.36 -12.05 -13.70
N ILE B 111 -3.62 -10.76 -13.61
CA ILE B 111 -3.57 -10.08 -12.32
C ILE B 111 -4.93 -10.16 -11.67
N TYR B 112 -4.93 -10.70 -10.47
CA TYR B 112 -6.15 -10.96 -9.69
C TYR B 112 -6.37 -9.86 -8.69
N GLY B 113 -7.61 -9.38 -8.59
CA GLY B 113 -7.88 -8.36 -7.59
C GLY B 113 -9.36 -8.19 -7.43
N VAL B 114 -9.77 -7.01 -6.97
CA VAL B 114 -11.18 -6.72 -6.76
C VAL B 114 -11.54 -5.45 -7.51
N ILE B 115 -12.62 -5.54 -8.29
CA ILE B 115 -13.22 -4.38 -8.91
C ILE B 115 -14.31 -3.87 -7.98
N SER B 116 -14.28 -2.58 -7.66
CA SER B 116 -15.35 -2.00 -6.83
C SER B 116 -15.91 -0.76 -7.50
N GLN B 117 -17.16 -0.46 -7.21
CA GLN B 117 -17.83 0.69 -7.80
C GLN B 117 -18.62 1.46 -6.74
N ARG B 118 -18.59 2.79 -6.84
CA ARG B 118 -19.44 3.66 -6.04
C ARG B 118 -20.15 4.60 -7.00
N ASN B 119 -21.47 4.51 -7.08
CA ASN B 119 -22.20 5.29 -8.08
C ASN B 119 -22.08 6.80 -7.89
N THR B 120 -22.17 7.52 -9.00
CA THR B 120 -22.17 8.98 -8.97
C THR B 120 -23.53 9.50 -8.51
N ASN B 121 -24.58 8.84 -8.99
CA ASN B 121 -25.93 9.26 -8.64
C ASN B 121 -26.29 8.75 -7.26
N THR B 122 -26.99 9.58 -6.50
CA THR B 122 -27.35 9.22 -5.14
C THR B 122 -28.86 9.18 -4.98
N VAL B 123 -29.30 8.49 -3.92
CA VAL B 123 -30.71 8.27 -3.66
C VAL B 123 -31.19 9.08 -2.47
N PRO B 124 -32.11 10.03 -2.70
CA PRO B 124 -32.61 10.88 -1.61
C PRO B 124 -33.13 10.08 -0.42
N GLY B 125 -33.90 9.03 -0.71
CA GLY B 125 -34.48 8.19 0.32
C GLY B 125 -33.45 7.40 1.10
N GLU B 126 -32.24 7.31 0.57
CA GLU B 126 -31.16 6.61 1.27
C GLU B 126 -30.18 7.60 1.92
N GLY B 127 -30.67 8.81 2.21
CA GLY B 127 -29.84 9.83 2.82
C GLY B 127 -28.88 10.45 1.82
N ASN B 128 -29.29 10.49 0.55
CA ASN B 128 -28.46 11.07 -0.51
C ASN B 128 -27.14 10.30 -0.64
N LEU B 129 -27.24 8.98 -0.52
CA LEU B 129 -26.08 8.08 -0.58
C LEU B 129 -26.12 7.17 -1.81
N PRO B 130 -24.95 6.87 -2.38
CA PRO B 130 -24.88 6.03 -3.57
C PRO B 130 -24.90 4.52 -3.32
N ALA B 131 -25.32 3.77 -4.33
CA ALA B 131 -25.22 2.31 -4.33
C ALA B 131 -23.79 1.87 -4.65
N ASN B 132 -23.43 0.67 -4.18
CA ASN B 132 -22.08 0.13 -4.35
C ASN B 132 -22.10 -1.33 -4.77
N ARG B 133 -21.00 -1.79 -5.37
CA ARG B 133 -20.80 -3.22 -5.59
C ARG B 133 -19.32 -3.51 -5.80
N ALA B 134 -18.91 -4.71 -5.42
CA ALA B 134 -17.55 -5.16 -5.68
C ALA B 134 -17.51 -6.64 -6.00
N HIS B 135 -16.56 -7.05 -6.82
CA HIS B 135 -16.42 -8.45 -7.20
C HIS B 135 -14.97 -8.77 -7.45
N GLU B 136 -14.60 -10.02 -7.23
CA GLU B 136 -13.30 -10.51 -7.73
C GLU B 136 -13.19 -10.30 -9.23
N ALA B 137 -11.99 -9.99 -9.69
CA ALA B 137 -11.75 -9.74 -11.11
C ALA B 137 -10.34 -10.12 -11.50
N VAL B 138 -10.15 -10.36 -12.78
CA VAL B 138 -8.84 -10.68 -13.33
C VAL B 138 -8.58 -9.80 -14.54
N ILE B 139 -7.38 -9.23 -14.61
CA ILE B 139 -6.94 -8.46 -15.78
C ILE B 139 -5.80 -9.21 -16.46
N ALA B 140 -6.03 -9.67 -17.69
CA ALA B 140 -4.99 -10.33 -18.48
C ALA B 140 -4.19 -9.30 -19.25
N THR B 141 -2.97 -9.01 -18.79
CA THR B 141 -2.21 -7.90 -19.35
C THR B 141 -1.60 -8.22 -20.71
N TYR B 142 -1.66 -9.50 -21.10
CA TYR B 142 -1.20 -9.96 -22.42
C TYR B 142 -2.32 -9.96 -23.44
N SER B 143 -3.55 -9.69 -22.99
CA SER B 143 -4.70 -9.72 -23.89
C SER B 143 -4.60 -8.63 -24.96
N PRO B 144 -5.07 -8.94 -26.17
CA PRO B 144 -5.12 -7.89 -27.19
C PRO B 144 -6.03 -6.74 -26.78
N LYS B 145 -6.90 -6.98 -25.81
CA LYS B 145 -7.81 -5.95 -25.32
C LYS B 145 -7.17 -5.13 -24.20
N PHE B 146 -5.97 -5.49 -23.77
CA PHE B 146 -5.26 -4.70 -22.78
C PHE B 146 -4.52 -3.57 -23.48
N THR B 147 -5.17 -2.41 -23.61
CA THR B 147 -4.57 -1.27 -24.29
C THR B 147 -4.62 0.01 -23.44
N PRO B 148 -4.00 0.00 -22.24
CA PRO B 148 -4.12 1.16 -21.34
C PRO B 148 -3.57 2.46 -21.92
N LYS B 149 -2.56 2.40 -22.78
CA LYS B 149 -2.05 3.61 -23.43
C LYS B 149 -3.09 4.24 -24.35
N LEU B 150 -4.04 3.44 -24.83
CA LEU B 150 -5.14 3.96 -25.63
C LEU B 150 -6.35 4.30 -24.79
N GLY B 151 -6.24 4.10 -23.48
CA GLY B 151 -7.28 4.47 -22.53
C GLY B 151 -8.34 3.42 -22.26
N ASN B 152 -8.08 2.17 -22.65
CA ASN B 152 -9.06 1.10 -22.54
CA ASN B 152 -9.06 1.10 -22.54
C ASN B 152 -8.43 -0.24 -22.16
N ILE B 153 -9.06 -0.94 -21.22
CA ILE B 153 -8.64 -2.29 -20.84
C ILE B 153 -9.87 -3.18 -20.68
N GLN B 154 -9.65 -4.48 -20.48
CA GLN B 154 -10.74 -5.39 -20.09
C GLN B 154 -10.39 -6.06 -18.78
N PHE B 155 -11.41 -6.37 -17.99
CA PHE B 155 -11.21 -7.28 -16.85
C PHE B 155 -12.27 -8.36 -16.93
N SER B 156 -12.02 -9.49 -16.29
CA SER B 156 -12.96 -10.59 -16.36
C SER B 156 -13.48 -10.90 -14.96
N THR B 157 -14.73 -11.37 -14.92
CA THR B 157 -15.36 -11.80 -13.67
C THR B 157 -15.94 -13.17 -13.87
N TRP B 158 -16.33 -13.82 -12.78
CA TRP B 158 -17.06 -15.07 -12.89
C TRP B 158 -18.33 -15.09 -12.05
N GLU B 159 -19.35 -15.75 -12.59
CA GLU B 159 -20.67 -15.88 -11.98
C GLU B 159 -21.33 -14.59 -11.48
N THR B 160 -21.18 -13.49 -12.21
CA THR B 160 -21.90 -12.28 -11.84
C THR B 160 -22.20 -11.38 -13.05
N GLN B 161 -23.37 -10.78 -13.01
CA GLN B 161 -23.81 -9.78 -13.98
C GLN B 161 -23.83 -8.39 -13.33
N ASP B 162 -23.46 -8.35 -12.06
CA ASP B 162 -23.66 -7.18 -11.23
C ASP B 162 -22.48 -6.21 -11.33
N VAL B 163 -22.22 -5.78 -12.56
CA VAL B 163 -21.21 -4.75 -12.81
C VAL B 163 -21.89 -3.66 -13.63
N SER B 164 -21.85 -2.43 -13.12
CA SER B 164 -22.59 -1.34 -13.72
C SER B 164 -21.77 -0.53 -14.71
N SER B 165 -22.41 -0.13 -15.81
CA SER B 165 -21.75 0.75 -16.76
C SER B 165 -21.90 2.23 -16.37
N GLY B 166 -20.88 3.03 -16.73
CA GLY B 166 -20.95 4.47 -16.54
C GLY B 166 -20.77 4.93 -15.11
N GLN B 167 -20.26 4.03 -14.26
CA GLN B 167 -20.07 4.33 -12.84
C GLN B 167 -18.61 4.22 -12.44
N PRO B 168 -18.15 5.13 -11.57
CA PRO B 168 -16.74 5.10 -11.14
C PRO B 168 -16.32 3.73 -10.63
N THR B 169 -15.18 3.26 -11.13
CA THR B 169 -14.72 1.89 -10.93
C THR B 169 -13.26 1.91 -10.49
N LYS B 170 -12.95 1.08 -9.51
CA LYS B 170 -11.60 0.95 -8.97
C LYS B 170 -11.13 -0.50 -9.08
N PHE B 171 -9.89 -0.71 -9.52
CA PHE B 171 -9.28 -2.04 -9.41
C PHE B 171 -8.24 -2.02 -8.30
N THR B 172 -8.46 -2.87 -7.29
CA THR B 172 -7.47 -3.09 -6.24
C THR B 172 -6.75 -4.41 -6.49
N PRO B 173 -5.45 -4.36 -6.77
CA PRO B 173 -4.76 -5.63 -7.05
C PRO B 173 -4.53 -6.47 -5.79
N VAL B 174 -4.55 -7.79 -5.93
CA VAL B 174 -4.30 -8.66 -4.78
C VAL B 174 -3.21 -9.68 -5.07
N GLY B 175 -3.21 -10.23 -6.28
CA GLY B 175 -2.17 -11.21 -6.62
C GLY B 175 -2.30 -11.66 -8.06
N LEU B 176 -1.98 -12.92 -8.33
CA LEU B 176 -2.12 -13.49 -9.68
C LEU B 176 -3.24 -14.52 -9.68
N ALA B 177 -3.92 -14.68 -10.81
CA ALA B 177 -4.99 -15.66 -10.93
C ALA B 177 -4.43 -17.07 -11.02
N SER B 178 -3.30 -17.18 -11.72
CA SER B 178 -2.71 -18.46 -12.07
C SER B 178 -1.29 -18.22 -12.56
N VAL B 179 -0.45 -19.25 -12.49
CA VAL B 179 0.83 -19.18 -13.20
C VAL B 179 1.01 -20.42 -14.07
N ASP B 180 -0.10 -21.05 -14.44
CA ASP B 180 0.01 -22.18 -15.38
C ASP B 180 0.35 -21.67 -16.78
N ALA B 181 0.69 -22.58 -17.70
CA ALA B 181 1.17 -22.20 -19.03
C ALA B 181 0.22 -21.25 -19.76
N ASN B 182 -1.07 -21.55 -19.72
CA ASN B 182 -2.04 -20.74 -20.43
C ASN B 182 -2.26 -19.36 -19.80
N SER B 183 -1.65 -19.11 -18.63
CA SER B 183 -1.84 -17.82 -17.96
C SER B 183 -0.72 -16.83 -18.25
N HIS B 184 0.30 -17.28 -19.00
CA HIS B 184 1.33 -16.40 -19.53
C HIS B 184 1.98 -15.47 -18.51
N PHE B 185 2.36 -15.99 -17.35
CA PHE B 185 3.08 -15.17 -16.38
C PHE B 185 4.55 -15.09 -16.72
N ASP B 186 5.03 -13.87 -16.94
CA ASP B 186 6.46 -13.63 -17.10
C ASP B 186 6.75 -12.22 -16.61
N GLN B 187 7.42 -12.12 -15.45
CA GLN B 187 7.57 -10.81 -14.81
C GLN B 187 8.45 -9.86 -15.61
N TRP B 188 9.20 -10.37 -16.59
CA TRP B 188 10.07 -9.50 -17.38
C TRP B 188 9.54 -9.24 -18.79
N THR B 189 8.38 -9.79 -19.13
CA THR B 189 7.75 -9.51 -20.43
C THR B 189 6.80 -8.34 -20.27
N LEU B 190 7.07 -7.25 -20.96
CA LEU B 190 6.20 -6.07 -20.88
C LEU B 190 4.88 -6.32 -21.62
N PRO B 191 3.78 -5.74 -21.11
CA PRO B 191 2.57 -5.70 -21.92
C PRO B 191 2.81 -4.88 -23.16
N SER B 192 2.00 -5.10 -24.20
CA SER B 192 1.94 -4.15 -25.31
C SER B 192 0.92 -3.11 -24.92
N TYR B 193 1.38 -1.96 -24.42
CA TYR B 193 0.46 -1.01 -23.81
C TYR B 193 -0.58 -0.45 -24.79
N SER B 194 -0.27 -0.45 -26.09
CA SER B 194 -1.21 0.01 -27.10
C SER B 194 -1.72 -1.11 -28.00
N GLY B 195 -1.44 -2.35 -27.61
CA GLY B 195 -1.87 -3.49 -28.42
C GLY B 195 -0.72 -4.08 -29.23
N ALA B 196 -1.01 -5.21 -29.87
CA ALA B 196 0.01 -6.12 -30.39
C ALA B 196 0.94 -5.60 -31.49
N LEU B 197 0.41 -4.79 -32.39
CA LEU B 197 1.20 -4.29 -33.53
C LEU B 197 1.83 -2.92 -33.32
N THR B 198 1.70 -2.38 -32.11
CA THR B 198 2.21 -1.04 -31.83
C THR B 198 3.38 -1.09 -30.84
N LEU B 199 4.37 -0.24 -31.10
CA LEU B 199 5.56 -0.18 -30.28
C LEU B 199 5.27 0.53 -28.97
N ASN B 200 5.74 -0.03 -27.86
CA ASN B 200 5.72 0.68 -26.58
C ASN B 200 6.62 1.90 -26.68
N MET B 201 6.26 2.94 -25.94
CA MET B 201 6.98 4.21 -26.04
C MET B 201 7.31 4.76 -24.65
N ASN B 202 8.29 5.67 -24.60
CA ASN B 202 8.67 6.39 -23.39
C ASN B 202 9.08 5.46 -22.25
N LEU B 203 9.68 4.33 -22.60
CA LEU B 203 10.07 3.33 -21.61
C LEU B 203 11.28 3.75 -20.78
N ALA B 204 11.25 3.38 -19.50
CA ALA B 204 12.47 3.39 -18.70
C ALA B 204 13.44 2.40 -19.34
N PRO B 205 14.74 2.72 -19.34
CA PRO B 205 15.71 1.88 -20.05
C PRO B 205 15.92 0.51 -19.41
N SER B 206 16.40 -0.45 -20.20
CA SER B 206 16.75 -1.75 -19.65
C SER B 206 17.94 -1.57 -18.72
N VAL B 207 18.11 -2.48 -17.77
CA VAL B 207 19.23 -2.44 -16.83
C VAL B 207 20.00 -3.77 -16.87
N ALA B 208 21.31 -3.70 -16.67
CA ALA B 208 22.15 -4.89 -16.73
C ALA B 208 23.49 -4.59 -16.07
N PRO B 209 24.16 -5.64 -15.58
CA PRO B 209 25.53 -5.40 -15.12
C PRO B 209 26.42 -5.12 -16.31
N VAL B 210 27.37 -4.22 -16.16
CA VAL B 210 28.25 -3.88 -17.27
C VAL B 210 29.64 -4.46 -17.03
N PHE B 211 29.77 -5.21 -15.94
CA PHE B 211 31.03 -5.62 -15.35
C PHE B 211 31.10 -7.13 -15.20
N PRO B 212 32.21 -7.76 -15.61
CA PRO B 212 32.30 -9.21 -15.44
C PRO B 212 32.21 -9.63 -13.97
N GLY B 213 31.42 -10.67 -13.70
CA GLY B 213 31.32 -11.19 -12.34
C GLY B 213 30.21 -10.53 -11.54
N GLU B 214 29.62 -9.47 -12.08
CA GLU B 214 28.53 -8.82 -11.37
C GLU B 214 27.17 -9.27 -11.90
N CYS B 215 26.18 -9.20 -11.02
CA CYS B 215 24.82 -9.51 -11.41
C CYS B 215 23.88 -8.51 -10.78
N LEU B 216 22.65 -8.43 -11.27
CA LEU B 216 21.64 -7.58 -10.66
C LEU B 216 21.25 -8.10 -9.27
N LEU B 217 20.97 -7.17 -8.35
CA LEU B 217 20.42 -7.50 -7.04
C LEU B 217 19.01 -6.98 -6.95
N PHE B 218 18.08 -7.86 -6.59
CA PHE B 218 16.65 -7.53 -6.56
C PHE B 218 16.09 -7.54 -5.15
N PHE B 219 15.03 -6.74 -4.97
CA PHE B 219 14.22 -6.85 -3.79
C PHE B 219 13.02 -7.72 -4.16
N ARG B 220 12.96 -8.92 -3.58
CA ARG B 220 12.00 -9.93 -4.00
C ARG B 220 10.80 -10.06 -3.07
N SER B 221 9.62 -10.17 -3.65
CA SER B 221 8.39 -10.44 -2.91
C SER B 221 7.65 -11.63 -3.50
N PHE B 222 7.07 -12.47 -2.64
CA PHE B 222 6.22 -13.53 -3.17
C PHE B 222 4.77 -13.05 -3.29
N ILE B 223 4.13 -13.43 -4.40
CA ILE B 223 2.83 -12.85 -4.75
C ILE B 223 1.73 -13.90 -4.61
N PRO B 224 0.58 -13.52 -4.00
CA PRO B 224 -0.49 -14.50 -3.78
C PRO B 224 -1.09 -15.06 -5.07
N LEU B 225 -1.65 -16.25 -4.98
CA LEU B 225 -2.34 -16.93 -6.08
C LEU B 225 -3.79 -17.21 -5.76
N LYS B 226 -4.68 -16.95 -6.71
CA LYS B 226 -6.09 -17.28 -6.58
C LYS B 226 -6.33 -18.80 -6.54
N GLY B 227 -5.50 -19.57 -7.23
CA GLY B 227 -5.68 -21.00 -7.26
C GLY B 227 -4.53 -21.69 -7.98
N GLY B 228 -4.55 -23.01 -8.02
CA GLY B 228 -3.51 -23.71 -8.76
C GLY B 228 -2.20 -23.85 -8.00
N TYR B 229 -1.18 -24.31 -8.70
CA TYR B 229 0.12 -24.60 -8.09
C TYR B 229 1.15 -23.54 -8.45
N GLY B 230 2.07 -23.27 -7.51
CA GLY B 230 3.13 -22.32 -7.78
C GLY B 230 3.57 -21.52 -6.58
N ASN B 231 4.73 -20.90 -6.69
CA ASN B 231 5.22 -19.97 -5.68
C ASN B 231 5.81 -18.74 -6.37
N PRO B 232 4.96 -17.99 -7.10
CA PRO B 232 5.46 -16.88 -7.92
C PRO B 232 6.03 -15.72 -7.12
N ALA B 233 7.03 -15.09 -7.72
CA ALA B 233 7.69 -13.93 -7.14
C ALA B 233 7.75 -12.76 -8.10
N ILE B 234 7.80 -11.56 -7.50
CA ILE B 234 7.99 -10.31 -8.24
C ILE B 234 9.22 -9.62 -7.69
N ASP B 235 10.18 -9.34 -8.58
CA ASP B 235 11.46 -8.73 -8.22
C ASP B 235 11.49 -7.26 -8.62
N CYS B 236 11.76 -6.36 -7.67
CA CYS B 236 11.91 -4.94 -8.05
C CYS B 236 13.35 -4.46 -7.89
N LEU B 237 13.68 -3.39 -8.61
CA LEU B 237 15.05 -2.87 -8.63
C LEU B 237 15.32 -2.05 -7.37
N MET B 238 14.28 -1.36 -6.89
CA MET B 238 14.36 -0.61 -5.65
C MET B 238 12.98 -0.67 -5.03
N PRO B 239 12.91 -0.69 -3.70
CA PRO B 239 11.60 -0.70 -3.02
C PRO B 239 10.89 0.63 -3.18
N GLN B 240 9.58 0.62 -2.95
CA GLN B 240 8.79 1.84 -3.14
C GLN B 240 9.28 2.97 -2.24
N GLU B 241 9.75 2.65 -1.05
CA GLU B 241 10.18 3.70 -0.12
C GLU B 241 11.45 4.37 -0.61
N TRP B 242 12.27 3.63 -1.38
CA TRP B 242 13.44 4.26 -2.00
C TRP B 242 13.01 5.24 -3.08
N VAL B 243 12.00 4.86 -3.88
CA VAL B 243 11.45 5.77 -4.88
C VAL B 243 10.96 7.06 -4.21
N GLN B 244 10.19 6.93 -3.13
CA GLN B 244 9.68 8.09 -2.41
C GLN B 244 10.81 8.96 -1.88
N HIS B 245 11.86 8.33 -1.34
CA HIS B 245 12.97 9.06 -0.76
C HIS B 245 13.78 9.80 -1.82
N LEU B 246 14.12 9.10 -2.88
CA LEU B 246 14.94 9.68 -3.96
C LEU B 246 14.22 10.86 -4.60
N TYR B 247 12.92 10.68 -4.82
CA TYR B 247 12.11 11.74 -5.41
C TYR B 247 12.16 13.03 -4.59
N GLN B 248 12.01 12.90 -3.27
CA GLN B 248 11.95 14.08 -2.41
C GLN B 248 13.33 14.72 -2.23
N GLU B 249 14.36 13.88 -2.14
CA GLU B 249 15.70 14.37 -1.83
C GLU B 249 16.31 15.16 -3.00
N SER B 250 16.02 14.73 -4.22
CA SER B 250 16.47 15.42 -5.42
C SER B 250 17.97 15.74 -5.38
N ALA B 251 18.78 14.77 -4.99
CA ALA B 251 20.22 14.98 -4.84
C ALA B 251 20.92 14.73 -6.16
N PRO B 252 21.78 15.68 -6.58
CA PRO B 252 22.51 15.49 -7.84
C PRO B 252 23.37 14.23 -7.79
N SER B 253 23.38 13.45 -8.86
CA SER B 253 24.24 12.27 -8.91
C SER B 253 25.62 12.73 -9.33
N LEU B 254 26.62 12.47 -8.50
CA LEU B 254 27.95 13.02 -8.75
C LEU B 254 28.79 12.13 -9.67
N SER B 255 28.33 10.90 -9.88
CA SER B 255 28.94 9.99 -10.84
C SER B 255 27.88 9.00 -11.31
N ASP B 256 28.27 8.07 -12.18
CA ASP B 256 27.33 7.07 -12.69
C ASP B 256 27.07 5.95 -11.67
N VAL B 257 27.89 5.85 -10.63
CA VAL B 257 27.77 4.76 -9.68
C VAL B 257 28.02 5.19 -8.23
N ALA B 258 27.08 4.88 -7.35
CA ALA B 258 27.29 5.08 -5.92
C ALA B 258 27.67 3.76 -5.27
N LEU B 259 28.77 3.76 -4.52
CA LEU B 259 29.14 2.60 -3.72
C LEU B 259 28.26 2.58 -2.47
N VAL B 260 27.60 1.45 -2.22
CA VAL B 260 26.78 1.33 -1.01
C VAL B 260 27.15 0.09 -0.22
N ARG B 261 26.97 0.15 1.09
CA ARG B 261 27.29 -0.96 1.97
C ARG B 261 26.03 -1.48 2.66
N TYR B 262 25.84 -2.80 2.65
CA TYR B 262 24.76 -3.38 3.43
C TYR B 262 25.30 -3.62 4.82
N VAL B 263 24.77 -2.88 5.79
CA VAL B 263 25.38 -2.89 7.12
C VAL B 263 24.51 -3.56 8.17
N ASN B 264 25.19 -4.25 9.09
CA ASN B 264 24.61 -4.68 10.35
C ASN B 264 24.84 -3.57 11.37
N PRO B 265 23.80 -2.77 11.64
CA PRO B 265 23.96 -1.62 12.55
C PRO B 265 24.33 -2.03 13.97
N GLU B 266 23.97 -3.24 14.36
CA GLU B 266 24.30 -3.74 15.70
C GLU B 266 25.79 -3.95 15.86
N THR B 267 26.43 -4.51 14.84
CA THR B 267 27.86 -4.73 14.87
C THR B 267 28.61 -3.59 14.18
N GLY B 268 27.92 -2.92 13.25
CA GLY B 268 28.54 -1.85 12.49
C GLY B 268 29.27 -2.38 11.28
N ARG B 269 29.33 -3.70 11.17
CA ARG B 269 30.06 -4.34 10.08
C ARG B 269 29.32 -4.29 8.75
N THR B 270 30.09 -4.20 7.68
CA THR B 270 29.56 -4.29 6.32
C THR B 270 29.44 -5.76 5.93
N LEU B 271 28.22 -6.18 5.61
CA LEU B 271 27.97 -7.57 5.25
C LEU B 271 28.36 -7.84 3.80
N PHE B 272 28.07 -6.87 2.92
CA PHE B 272 28.54 -6.90 1.55
C PHE B 272 28.43 -5.51 0.93
N GLU B 273 29.06 -5.34 -0.23
CA GLU B 273 29.02 -4.08 -0.96
C GLU B 273 28.24 -4.23 -2.24
N ALA B 274 27.64 -3.14 -2.69
CA ALA B 274 26.92 -3.14 -3.95
C ALA B 274 27.18 -1.85 -4.69
N LYS B 275 26.99 -1.89 -6.01
CA LYS B 275 26.97 -0.69 -6.83
C LYS B 275 25.54 -0.25 -7.05
N LEU B 276 25.22 0.99 -6.65
CA LEU B 276 23.93 1.58 -6.92
C LEU B 276 24.08 2.50 -8.13
N HIS B 277 23.54 2.06 -9.25
CA HIS B 277 23.73 2.75 -10.53
C HIS B 277 22.80 3.94 -10.66
N ARG B 278 23.26 4.94 -11.40
CA ARG B 278 22.56 6.22 -11.55
C ARG B 278 21.11 6.08 -12.00
N ASN B 279 20.85 5.12 -12.89
N ASN B 279 20.86 5.09 -12.86
CA ASN B 279 19.50 4.91 -13.40
CA ASN B 279 19.54 4.86 -13.41
C ASN B 279 18.58 4.23 -12.39
C ASN B 279 18.59 4.24 -12.39
N GLY B 280 19.14 3.79 -11.27
CA GLY B 280 18.35 3.28 -10.16
C GLY B 280 18.22 1.77 -10.07
N PHE B 281 19.37 1.10 -9.95
CA PHE B 281 19.37 -0.35 -9.75
C PHE B 281 20.69 -0.73 -9.13
N LEU B 282 20.71 -1.92 -8.54
CA LEU B 282 21.88 -2.44 -7.82
C LEU B 282 22.58 -3.59 -8.55
N THR B 283 23.91 -3.62 -8.49
CA THR B 283 24.63 -4.83 -8.85
C THR B 283 25.55 -5.26 -7.73
N VAL B 284 25.87 -6.55 -7.70
CA VAL B 284 26.78 -7.09 -6.72
C VAL B 284 27.70 -8.08 -7.41
N ALA B 285 28.83 -8.36 -6.77
CA ALA B 285 29.73 -9.40 -7.24
C ALA B 285 29.29 -10.73 -6.62
N ARG B 286 28.45 -11.46 -7.34
CA ARG B 286 27.93 -12.74 -6.88
C ARG B 286 27.82 -13.69 -8.05
N ASN B 287 28.22 -14.95 -7.84
CA ASN B 287 28.17 -15.94 -8.91
C ASN B 287 27.14 -17.03 -8.66
N SER B 288 26.09 -16.73 -7.90
CA SER B 288 25.07 -17.71 -7.61
C SER B 288 23.69 -17.07 -7.64
N ALA B 289 22.67 -17.90 -7.79
CA ALA B 289 21.28 -17.43 -7.72
C ALA B 289 20.67 -17.82 -6.39
N GLY B 290 19.66 -17.06 -5.99
CA GLY B 290 18.95 -17.38 -4.78
C GLY B 290 18.95 -16.22 -3.82
N PRO B 291 18.35 -16.43 -2.65
CA PRO B 291 18.26 -15.36 -1.65
C PRO B 291 19.61 -15.00 -1.07
N VAL B 292 19.70 -13.76 -0.63
CA VAL B 292 20.82 -13.29 0.18
C VAL B 292 20.49 -13.45 1.65
N VAL B 293 21.25 -14.28 2.35
CA VAL B 293 21.02 -14.53 3.76
C VAL B 293 21.66 -13.41 4.60
N ALA B 294 20.84 -12.58 5.20
CA ALA B 294 21.36 -11.45 5.96
C ALA B 294 20.50 -11.18 7.20
N PRO B 295 21.12 -10.64 8.26
CA PRO B 295 20.40 -10.31 9.50
C PRO B 295 19.25 -9.35 9.24
N THR B 296 18.22 -9.44 10.06
CA THR B 296 17.01 -8.67 9.81
C THR B 296 17.19 -7.18 10.12
N ASN B 297 18.26 -6.80 10.80
CA ASN B 297 18.42 -5.38 11.11
C ASN B 297 19.16 -4.61 10.01
N GLY B 298 19.51 -5.29 8.92
CA GLY B 298 20.34 -4.68 7.90
C GLY B 298 19.68 -3.71 6.93
N TYR B 299 20.51 -2.81 6.42
CA TYR B 299 20.06 -1.86 5.41
C TYR B 299 21.24 -1.29 4.65
N PHE B 300 20.97 -0.76 3.47
CA PHE B 300 22.01 -0.15 2.66
C PHE B 300 22.29 1.27 3.13
N ARG B 301 23.57 1.62 3.14
CA ARG B 301 24.03 2.94 3.47
C ARG B 301 24.97 3.44 2.37
N PHE B 302 24.80 4.70 1.97
CA PHE B 302 25.68 5.31 0.99
C PHE B 302 27.10 5.41 1.54
N ASP B 303 28.07 5.04 0.72
CA ASP B 303 29.47 5.17 1.12
C ASP B 303 30.13 6.33 0.38
N SER B 304 30.09 6.28 -0.95
CA SER B 304 30.79 7.27 -1.77
C SER B 304 30.43 7.12 -3.23
N TRP B 305 30.74 8.14 -4.02
CA TRP B 305 30.58 8.05 -5.46
C TRP B 305 31.83 7.44 -6.07
N VAL B 306 31.64 6.39 -6.86
CA VAL B 306 32.74 5.72 -7.53
C VAL B 306 32.45 5.71 -9.03
N ASN B 307 32.97 4.75 -9.76
CA ASN B 307 32.65 4.67 -11.18
C ASN B 307 32.44 3.24 -11.64
N GLN B 308 32.21 3.08 -12.94
CA GLN B 308 31.90 1.79 -13.54
C GLN B 308 33.05 0.79 -13.38
N PHE B 309 34.27 1.29 -13.20
CA PHE B 309 35.42 0.40 -13.14
C PHE B 309 35.71 -0.12 -11.74
N TYR B 310 34.91 0.29 -10.76
CA TYR B 310 35.14 -0.09 -9.38
C TYR B 310 34.91 -1.60 -9.18
N THR B 311 35.84 -2.25 -8.49
CA THR B 311 35.69 -3.68 -8.26
C THR B 311 35.10 -3.95 -6.88
N LEU B 312 33.92 -4.56 -6.87
CA LEU B 312 33.26 -4.91 -5.62
C LEU B 312 33.91 -6.16 -5.02
N ALA B 313 33.97 -6.20 -3.69
CA ALA B 313 34.37 -7.41 -3.01
C ALA B 313 33.31 -8.48 -3.24
N PRO B 314 33.75 -9.71 -3.55
CA PRO B 314 32.83 -10.82 -3.81
C PRO B 314 31.96 -11.16 -2.60
N MET B 315 30.72 -11.56 -2.85
CA MET B 315 29.83 -11.94 -1.76
C MET B 315 30.10 -13.37 -1.29
C1 EDO C . -25.79 -11.26 -1.07
O1 EDO C . -25.66 -10.76 -2.41
C2 EDO C . -24.89 -10.46 -0.13
O2 EDO C . -23.52 -10.62 -0.52
C1 EDO D . -21.63 -14.25 3.86
O1 EDO D . -22.41 -13.05 3.88
C2 EDO D . -20.18 -13.92 3.50
O2 EDO D . -19.66 -12.96 4.43
CAC FLC E . -6.30 -25.94 -6.82
CA FLC E . -6.02 -27.13 -5.93
CB FLC E . -6.18 -26.86 -4.44
CBC FLC E . -7.60 -26.42 -4.15
CG FLC E . -5.89 -28.16 -3.71
CGC FLC E . -5.79 -27.97 -2.20
OA1 FLC E . -6.53 -24.79 -6.36
OA2 FLC E . -6.33 -26.12 -8.06
OB1 FLC E . -7.79 -25.37 -3.49
OB2 FLC E . -8.57 -27.10 -4.57
OG1 FLC E . -6.71 -27.40 -1.56
OG2 FLC E . -4.77 -28.39 -1.59
OHB FLC E . -5.29 -25.87 -4.01
N NO3 F . 11.15 7.59 2.85
O1 NO3 F . 10.54 8.58 2.36
O2 NO3 F . 10.55 6.48 2.97
O3 NO3 F . 12.36 7.71 3.23
C1 EDO G . -0.42 10.16 -11.16
O1 EDO G . -0.56 8.75 -11.04
C2 EDO G . -1.71 10.84 -10.69
O2 EDO G . -2.83 10.47 -11.52
C1 EDO H . -5.60 4.13 -6.78
O1 EDO H . -6.73 3.27 -6.89
C2 EDO H . -5.12 4.14 -5.33
O2 EDO H . -3.99 5.01 -5.25
N NO3 I . -9.35 -9.70 -19.03
O1 NO3 I . -10.52 -9.49 -19.50
O2 NO3 I . -9.18 -10.48 -18.05
O3 NO3 I . -8.35 -9.13 -19.54
#